data_5FBT
#
_entry.id   5FBT
#
_cell.length_a   149.276
_cell.length_b   149.276
_cell.length_c   193.525
_cell.angle_alpha   90.00
_cell.angle_beta   90.00
_cell.angle_gamma   120.00
#
_symmetry.space_group_name_H-M   'P 65 2 2'
#
loop_
_entity.id
_entity.type
_entity.pdbx_description
1 polymer 'Phosphoenolpyruvate synthase'
2 non-polymer Rifampin
3 non-polymer 'CHLORIDE ION'
4 water water
#
_entity_poly.entity_id   1
_entity_poly.type   'polypeptide(L)'
_entity_poly.pdbx_seq_one_letter_code
;(MSE)KPYVLKFQEIRPHSEALVGGKG(MSE)NLGACSNIEGVHVPAGFCLTTEAYKRTLAENNEFTQLLQRLSSLKTSD
(MSE)DAIREISETIRTLIQHTQIPSEIASY(MSE)DATLLDVGGYE(MSE)PFAVRSSATAEDLPHASFAGQHDTYLNI
IGKDALLQHIS(MSE)CWASLFTERAIIYRIQNQFDHRKVQLAVVIQQ(MSE)ISPEASGILFTADPITSNRKSLSIDAS
FGLGEALVSGLVSADSYTVRENTITNKIIATKKLAIYSLKEGGTETRILEKSQQTKQTLTDQQIIQLAKLGRKIEAYFGK
PQDIEWCLAEGAFYIVQSRPITTLYPIPEVNEPGNRVYISVAHQQ(MSE)(MSE)TDA(MSE)KPLGLSFYL(MSE)TTP
AT(MSE)YTAGGRLFVDITQSLSAKVSRD(MSE)(MSE)VNSLGQSDPLIKDALLTVINKKGFLPPLPTEENPSHATVSG
KPPVRSIPDSSSVFELVRNSENSIKHLKQSIETKSGSDLFDFIVEDLEELKRVLFNPTSIDAI(MSE)AG(MSE)DASAW
LNEHIYQWLGEKNVADKLSESAPNNITSQ(MSE)GLELLDVADVIRPYPAVRAYLEQTKNPDF(MSE)NELATLEGGAET
KKALEDYLQKYG(MSE)RCAGEIDLTKTRWIENPLTLIPLILSNIKNFDSSAS(MSE)HKFAQGEKEAFHKEQEILRRLQ
ELPDGEQKA(MSE)ETKEKIDILRHFIGYREYPKYG(MSE)INRYFIYKLALLRAGEQLVKDGILQEHEDIYFLYFEELR
EVVRTGQVDYELINARKRDFATFEKLTPPRILTSDGE(MSE)INGEYKRENLPKDAILGLPVSSGTVEGRARVILE
(MSE)EKADLEDGDILVTAYTDPSWTPAFVSIKGLVTEVGGL(MSE)THGAVIAREYGLPAVVGVENATTIIKDGQQIRI
NGTEGYIEILD
;
_entity_poly.pdbx_strand_id   A
#
loop_
_chem_comp.id
_chem_comp.type
_chem_comp.name
_chem_comp.formula
5WQ non-polymer Rifampin 'C43 H64 N4 O11'
CL non-polymer 'CHLORIDE ION' 'Cl -1'
#
# COMPACT_ATOMS: atom_id res chain seq x y z
N LYS A 2 -13.89 41.85 -5.17
CA LYS A 2 -14.48 43.06 -5.72
C LYS A 2 -13.47 44.06 -6.30
N PRO A 3 -12.38 44.38 -5.56
CA PRO A 3 -11.53 45.42 -6.13
C PRO A 3 -10.64 44.91 -7.27
N TYR A 4 -9.82 45.81 -7.80
CA TYR A 4 -8.98 45.53 -8.96
C TYR A 4 -7.57 45.06 -8.56
N VAL A 5 -7.05 45.61 -7.46
CA VAL A 5 -5.70 45.30 -6.96
C VAL A 5 -5.76 44.89 -5.49
N LEU A 6 -4.95 43.90 -5.12
CA LEU A 6 -4.90 43.49 -3.72
C LEU A 6 -3.48 43.45 -3.18
N LYS A 7 -3.26 44.10 -2.04
CA LYS A 7 -2.01 43.95 -1.29
C LYS A 7 -2.05 42.63 -0.55
N PHE A 8 -1.16 42.39 0.42
CA PHE A 8 -1.09 41.05 1.00
C PHE A 8 -1.61 40.90 2.44
N GLN A 9 -1.49 41.93 3.26
CA GLN A 9 -2.23 41.93 4.51
C GLN A 9 -3.68 42.21 4.16
N GLU A 10 -3.88 42.68 2.94
CA GLU A 10 -5.15 43.21 2.52
C GLU A 10 -6.11 42.11 2.10
N ILE A 11 -5.58 41.02 1.56
CA ILE A 11 -6.37 39.86 1.10
C ILE A 11 -7.13 39.06 2.18
N SER A 15 -10.63 33.80 -0.40
CA SER A 15 -10.94 34.21 -1.75
C SER A 15 -10.14 33.45 -2.82
N GLU A 16 -10.27 32.13 -2.89
CA GLU A 16 -9.52 31.43 -3.92
C GLU A 16 -10.02 31.77 -5.33
N ALA A 17 -11.32 32.05 -5.48
CA ALA A 17 -11.85 32.52 -6.77
C ALA A 17 -11.70 34.02 -6.90
N LEU A 18 -10.71 34.58 -6.24
CA LEU A 18 -10.48 36.01 -6.35
C LEU A 18 -8.98 36.25 -6.58
N VAL A 19 -8.10 35.55 -5.86
CA VAL A 19 -6.65 35.70 -6.11
C VAL A 19 -5.91 34.37 -6.21
N GLY A 20 -6.65 33.26 -6.21
CA GLY A 20 -6.07 31.95 -6.46
C GLY A 20 -5.31 31.33 -5.30
N GLY A 21 -4.71 30.18 -5.56
CA GLY A 21 -4.08 29.37 -4.53
C GLY A 21 -2.90 29.97 -3.78
N LYS A 22 -1.93 30.51 -4.50
CA LYS A 22 -0.72 31.06 -3.88
C LYS A 22 -0.85 32.55 -3.65
N GLY A 23 -1.81 33.17 -4.34
CA GLY A 23 -2.22 34.53 -4.01
C GLY A 23 -2.65 34.63 -2.56
N MSE A 24 -3.09 33.49 -2.04
CA MSE A 24 -3.49 33.38 -0.65
C MSE A 24 -2.35 33.14 0.29
O MSE A 24 -2.26 33.83 1.29
CB MSE A 24 -4.32 32.11 -0.49
CG MSE A 24 -5.61 32.11 -1.29
SE MSE A 24 -6.93 33.18 -0.32
CE MSE A 24 -6.70 34.85 -1.33
N ASN A 25 -1.50 32.16 -0.03
CA ASN A 25 -0.39 31.77 0.83
C ASN A 25 0.29 33.01 1.39
N LEU A 26 0.71 33.90 0.49
CA LEU A 26 1.29 35.17 0.90
C LEU A 26 0.32 35.99 1.77
N GLY A 27 -0.98 35.92 1.47
CA GLY A 27 -1.97 36.67 2.22
C GLY A 27 -2.12 36.15 3.64
N ALA A 28 -2.04 34.84 3.81
CA ALA A 28 -2.18 34.23 5.13
C ALA A 28 -0.81 33.90 5.70
N CYS A 29 0.19 34.68 5.29
CA CYS A 29 1.52 34.62 5.88
C CYS A 29 1.96 36.00 6.37
N SER A 30 1.34 37.06 5.84
CA SER A 30 1.65 38.41 6.25
C SER A 30 1.16 38.69 7.67
N ASN A 31 0.13 37.97 8.05
CA ASN A 31 -0.57 38.17 9.31
C ASN A 31 0.15 37.45 10.44
N ILE A 32 0.91 36.41 10.10
CA ILE A 32 1.62 35.60 11.09
C ILE A 32 2.56 36.50 11.90
N GLU A 33 2.82 36.11 13.15
CA GLU A 33 3.68 36.90 14.04
C GLU A 33 5.16 36.61 13.83
N GLY A 34 5.99 37.65 13.95
CA GLY A 34 7.44 37.50 13.89
C GLY A 34 7.92 37.44 12.47
N VAL A 35 7.05 36.96 11.60
CA VAL A 35 7.35 36.91 10.17
C VAL A 35 6.93 38.20 9.47
N HIS A 36 7.31 38.30 8.20
CA HIS A 36 6.74 39.29 7.31
C HIS A 36 7.06 38.80 5.91
N VAL A 37 6.04 38.70 5.05
CA VAL A 37 6.31 38.31 3.67
C VAL A 37 7.04 39.45 2.99
N PRO A 38 7.70 39.17 1.85
CA PRO A 38 8.00 40.35 1.04
C PRO A 38 6.66 40.94 0.63
N ALA A 39 6.63 42.27 0.83
CA ALA A 39 5.54 43.19 0.59
C ALA A 39 5.31 43.40 -0.87
N GLY A 40 4.19 44.04 -1.15
CA GLY A 40 3.74 44.19 -2.52
C GLY A 40 2.28 43.87 -2.71
N PHE A 41 1.82 43.86 -3.96
CA PHE A 41 0.39 43.62 -4.20
C PHE A 41 0.09 42.42 -5.09
N CYS A 42 -1.19 42.23 -5.37
CA CYS A 42 -1.70 41.08 -6.11
C CYS A 42 -2.72 41.56 -7.13
N LEU A 43 -2.64 41.04 -8.36
CA LEU A 43 -3.61 41.43 -9.38
C LEU A 43 -4.70 40.37 -9.44
N THR A 44 -5.94 40.82 -9.33
CA THR A 44 -7.04 40.02 -8.82
C THR A 44 -7.81 39.33 -9.94
N THR A 45 -8.68 38.37 -9.61
CA THR A 45 -9.45 37.69 -10.65
C THR A 45 -10.36 38.68 -11.36
N GLU A 46 -10.68 39.76 -10.66
CA GLU A 46 -11.58 40.78 -11.18
C GLU A 46 -10.80 41.80 -12.00
N ALA A 47 -9.61 41.41 -12.46
CA ALA A 47 -8.88 42.20 -13.43
C ALA A 47 -8.93 41.52 -14.81
N TYR A 48 -9.25 40.25 -14.78
CA TYR A 48 -9.36 39.41 -15.95
C TYR A 48 -10.55 39.83 -16.77
N LYS A 49 -11.56 40.30 -16.06
CA LYS A 49 -12.82 40.70 -16.61
C LYS A 49 -12.55 41.87 -17.54
N GLU A 57 -15.84 36.90 -29.32
CA GLU A 57 -14.58 37.53 -28.97
C GLU A 57 -13.86 36.51 -28.12
N PHE A 58 -13.39 36.93 -26.95
CA PHE A 58 -12.69 36.02 -26.05
C PHE A 58 -13.66 34.91 -25.65
N THR A 59 -14.90 35.31 -25.39
CA THR A 59 -15.96 34.37 -25.03
C THR A 59 -16.33 33.48 -26.21
N GLN A 60 -16.44 34.07 -27.40
CA GLN A 60 -16.83 33.32 -28.59
C GLN A 60 -15.83 32.25 -29.01
N LEU A 61 -14.57 32.63 -29.02
CA LEU A 61 -13.53 31.70 -29.38
C LEU A 61 -13.59 30.60 -28.35
N LEU A 62 -13.88 30.99 -27.11
CA LEU A 62 -13.97 30.11 -25.96
C LEU A 62 -15.02 29.03 -26.08
N GLN A 63 -16.20 29.42 -26.54
CA GLN A 63 -17.32 28.53 -26.76
C GLN A 63 -16.96 27.50 -27.78
N ARG A 64 -15.93 27.81 -28.56
CA ARG A 64 -15.50 26.94 -29.62
C ARG A 64 -15.13 25.55 -29.12
N LEU A 65 -14.55 25.45 -27.94
CA LEU A 65 -14.17 24.18 -27.29
C LEU A 65 -14.76 22.87 -27.87
N ALA A 75 -4.99 18.80 -32.75
CA ALA A 75 -5.24 19.09 -34.16
C ALA A 75 -6.19 20.28 -34.31
N ILE A 76 -7.32 20.23 -33.60
CA ILE A 76 -8.25 21.34 -33.58
C ILE A 76 -7.98 22.15 -32.34
N ARG A 77 -7.49 21.47 -31.29
CA ARG A 77 -7.00 22.13 -30.09
C ARG A 77 -5.52 22.48 -30.26
N GLU A 78 -5.12 22.51 -31.53
CA GLU A 78 -3.82 22.94 -32.00
C GLU A 78 -3.86 24.40 -32.41
N ILE A 79 -4.64 24.71 -33.43
CA ILE A 79 -4.67 26.09 -33.89
C ILE A 79 -5.63 26.97 -33.13
N SER A 80 -6.40 26.41 -32.19
CA SER A 80 -7.33 27.29 -31.51
C SER A 80 -6.58 28.15 -30.53
N GLU A 81 -5.34 27.75 -30.32
CA GLU A 81 -4.46 28.55 -29.45
C GLU A 81 -4.17 29.91 -29.97
N THR A 82 -4.77 30.24 -31.10
CA THR A 82 -4.65 31.58 -31.67
C THR A 82 -5.12 32.53 -30.55
N ILE A 83 -5.89 31.98 -29.61
CA ILE A 83 -6.40 32.65 -28.46
C ILE A 83 -5.20 33.20 -27.72
N ARG A 84 -4.05 32.55 -27.74
CA ARG A 84 -3.06 33.31 -26.94
C ARG A 84 -2.28 34.40 -27.72
N THR A 85 -2.54 34.61 -28.98
CA THR A 85 -1.99 35.80 -29.63
C THR A 85 -2.77 37.01 -29.09
N LEU A 86 -4.02 36.74 -28.68
CA LEU A 86 -4.99 37.74 -28.14
C LEU A 86 -4.74 38.53 -26.83
N ILE A 87 -4.36 37.88 -25.74
CA ILE A 87 -4.05 38.65 -24.54
C ILE A 87 -2.83 39.54 -24.82
N GLN A 88 -1.89 39.06 -25.62
CA GLN A 88 -0.63 39.78 -25.77
C GLN A 88 -0.83 41.17 -26.37
N HIS A 89 -1.69 41.16 -27.40
CA HIS A 89 -2.15 42.32 -28.14
C HIS A 89 -3.39 42.87 -27.45
N THR A 90 -4.32 42.01 -27.01
CA THR A 90 -5.46 42.60 -26.33
C THR A 90 -4.72 43.52 -25.39
N GLN A 91 -5.26 44.67 -25.05
CA GLN A 91 -4.64 45.33 -23.94
C GLN A 91 -5.79 45.69 -23.02
N ILE A 92 -5.45 45.88 -21.76
CA ILE A 92 -6.41 45.90 -20.68
C ILE A 92 -6.18 47.22 -19.93
N PRO A 93 -7.25 47.98 -19.68
CA PRO A 93 -7.23 49.43 -19.47
C PRO A 93 -6.12 49.98 -18.55
N SER A 94 -5.52 51.09 -18.91
CA SER A 94 -4.45 51.65 -18.09
C SER A 94 -4.97 52.08 -16.74
N GLU A 95 -6.28 52.18 -16.64
CA GLU A 95 -6.90 52.65 -15.42
C GLU A 95 -6.45 51.67 -14.36
N ILE A 96 -6.91 50.42 -14.47
CA ILE A 96 -6.46 49.36 -13.58
C ILE A 96 -4.97 49.08 -13.79
N ALA A 97 -4.42 49.51 -14.92
CA ALA A 97 -3.00 49.36 -15.17
C ALA A 97 -2.22 50.61 -14.72
N SER A 98 -2.91 51.54 -14.06
CA SER A 98 -2.29 52.68 -13.38
C SER A 98 -2.99 52.87 -12.03
N TYR A 99 -3.97 52.02 -11.80
CA TYR A 99 -4.68 51.95 -10.54
C TYR A 99 -3.74 51.07 -9.73
N MSE A 100 -3.06 50.17 -10.45
CA MSE A 100 -2.10 49.27 -9.83
C MSE A 100 -0.81 50.02 -9.49
O MSE A 100 -0.10 49.65 -8.57
CB MSE A 100 -1.80 48.07 -10.73
CG MSE A 100 -0.97 48.39 -11.97
SE MSE A 100 -0.25 46.79 -12.85
CE MSE A 100 -1.82 46.23 -13.87
N ASP A 101 -0.52 51.08 -10.26
CA ASP A 101 0.63 51.92 -9.96
C ASP A 101 0.24 52.98 -8.93
N ALA A 102 -1.00 52.92 -8.47
CA ALA A 102 -1.49 53.85 -7.47
C ALA A 102 -1.33 53.24 -6.08
N THR A 103 -0.99 51.96 -6.05
CA THR A 103 -0.77 51.24 -4.80
C THR A 103 0.51 50.41 -4.89
N MSE A 112 12.89 48.72 -6.55
CA MSE A 112 11.94 47.64 -6.86
C MSE A 112 11.72 47.31 -8.34
O MSE A 112 10.77 47.83 -8.94
CB MSE A 112 10.56 47.96 -6.26
CG MSE A 112 9.98 46.88 -5.38
SE MSE A 112 8.55 47.63 -4.31
CE MSE A 112 9.51 49.24 -3.80
N PRO A 113 12.61 46.50 -8.93
CA PRO A 113 12.27 45.63 -10.06
C PRO A 113 11.57 44.33 -9.62
N PHE A 114 10.89 43.67 -10.57
CA PHE A 114 9.85 42.69 -10.26
C PHE A 114 10.07 41.32 -10.87
N ALA A 115 9.13 40.44 -10.55
CA ALA A 115 9.08 39.03 -10.92
C ALA A 115 7.73 38.45 -10.44
N VAL A 116 7.34 37.29 -10.94
CA VAL A 116 6.06 36.72 -10.54
C VAL A 116 5.99 35.19 -10.54
N LEU A 146 6.29 45.07 -16.03
CA LEU A 146 5.16 45.96 -16.13
C LEU A 146 3.94 45.14 -16.41
N LEU A 147 3.53 45.21 -17.66
CA LEU A 147 2.37 44.51 -18.17
C LEU A 147 2.63 43.66 -19.36
N GLN A 148 3.87 43.65 -19.84
CA GLN A 148 4.21 42.85 -21.00
C GLN A 148 3.84 41.45 -20.57
N HIS A 149 4.41 41.10 -19.42
CA HIS A 149 4.32 39.83 -18.72
C HIS A 149 3.09 39.39 -18.01
N ILE A 150 2.43 40.31 -17.34
CA ILE A 150 1.29 39.94 -16.54
C ILE A 150 0.27 39.28 -17.45
N SER A 151 0.04 39.90 -18.59
CA SER A 151 -0.88 39.36 -19.58
C SER A 151 -0.46 38.08 -20.30
N MSE A 152 0.80 37.96 -20.68
CA MSE A 152 1.25 36.78 -21.44
C MSE A 152 1.17 35.51 -20.66
O MSE A 152 1.35 34.38 -21.13
CB MSE A 152 2.69 36.99 -21.89
CG MSE A 152 3.70 37.01 -20.74
SE MSE A 152 5.58 37.08 -21.35
CE MSE A 152 5.78 35.20 -21.85
N CYS A 153 1.09 35.80 -19.36
CA CYS A 153 0.95 34.90 -18.25
C CYS A 153 -0.45 34.30 -18.13
N TRP A 154 -1.43 35.15 -18.26
CA TRP A 154 -2.80 34.77 -18.14
C TRP A 154 -2.99 33.68 -19.17
N ALA A 155 -2.31 33.90 -20.28
CA ALA A 155 -2.48 33.12 -21.44
C ALA A 155 -2.42 31.71 -21.03
N SER A 156 -1.60 31.41 -20.03
CA SER A 156 -1.29 30.10 -19.55
C SER A 156 -2.51 29.23 -19.30
N LEU A 157 -3.69 29.76 -19.18
CA LEU A 157 -4.76 28.79 -19.05
C LEU A 157 -5.13 28.00 -20.31
N PHE A 158 -4.59 28.39 -21.46
CA PHE A 158 -4.95 27.75 -22.72
C PHE A 158 -4.21 26.53 -23.25
N THR A 159 -2.90 26.51 -23.19
CA THR A 159 -2.19 25.32 -23.65
C THR A 159 -2.64 24.21 -22.71
N GLU A 160 -2.77 24.57 -21.43
CA GLU A 160 -3.18 23.69 -20.34
C GLU A 160 -2.90 22.22 -20.59
N VAL A 176 -12.31 29.99 -16.35
CA VAL A 176 -10.85 29.99 -16.41
C VAL A 176 -10.29 31.41 -16.13
N GLN A 177 -9.73 31.50 -14.93
CA GLN A 177 -9.13 32.71 -14.43
C GLN A 177 -7.83 32.43 -13.68
N LEU A 178 -6.95 33.40 -13.82
CA LEU A 178 -5.66 33.50 -13.24
C LEU A 178 -5.43 34.87 -12.60
N ALA A 179 -4.81 34.80 -11.44
CA ALA A 179 -4.45 35.95 -10.68
C ALA A 179 -2.95 35.89 -10.59
N VAL A 180 -2.34 37.05 -10.86
CA VAL A 180 -0.90 37.26 -10.86
C VAL A 180 -0.51 37.92 -9.55
N VAL A 181 0.56 37.42 -8.96
CA VAL A 181 1.07 37.95 -7.70
C VAL A 181 2.45 38.57 -7.92
N ILE A 182 2.69 39.76 -7.40
CA ILE A 182 4.04 40.30 -7.59
C ILE A 182 4.58 40.72 -6.24
N GLN A 183 5.85 40.40 -6.00
CA GLN A 183 6.41 40.64 -4.68
C GLN A 183 7.76 41.35 -4.75
N GLN A 184 8.51 41.25 -3.67
CA GLN A 184 9.83 41.88 -3.58
C GLN A 184 11.00 41.02 -4.08
N MSE A 185 11.89 41.68 -4.81
CA MSE A 185 13.11 41.08 -5.34
C MSE A 185 14.30 41.52 -4.53
O MSE A 185 15.21 42.19 -5.07
CB MSE A 185 13.27 41.47 -6.81
CG MSE A 185 12.16 40.88 -7.66
SE MSE A 185 12.22 38.91 -7.52
CE MSE A 185 13.94 38.63 -8.44
N ILE A 186 14.33 41.19 -3.24
CA ILE A 186 15.41 41.57 -2.34
C ILE A 186 16.59 40.78 -2.80
N SER A 187 17.77 41.30 -2.60
CA SER A 187 18.89 40.53 -2.99
C SER A 187 19.26 39.78 -1.73
N PRO A 188 18.90 38.53 -1.74
CA PRO A 188 19.09 37.64 -0.63
C PRO A 188 20.51 37.16 -0.53
N GLU A 189 21.07 37.24 0.65
CA GLU A 189 22.40 36.72 0.84
C GLU A 189 22.31 35.21 0.72
N ALA A 190 21.26 34.66 1.29
CA ALA A 190 21.02 33.24 1.26
C ALA A 190 19.56 32.99 1.03
N SER A 191 19.26 31.87 0.42
CA SER A 191 17.84 31.56 0.18
C SER A 191 17.72 30.06 0.16
N GLY A 192 16.56 29.53 0.54
CA GLY A 192 16.41 28.09 0.59
C GLY A 192 15.00 27.60 0.89
N ILE A 193 14.92 26.32 1.24
CA ILE A 193 13.66 25.66 1.47
C ILE A 193 13.67 24.99 2.85
N LEU A 194 12.50 24.84 3.45
CA LEU A 194 12.42 24.29 4.80
C LEU A 194 11.27 23.31 4.96
N PHE A 195 11.58 22.11 5.45
CA PHE A 195 10.57 21.12 5.79
C PHE A 195 10.54 20.89 7.29
N THR A 196 9.38 21.04 7.90
CA THR A 196 9.24 20.81 9.34
C THR A 196 9.12 19.32 9.62
N ALA A 197 8.97 18.53 8.56
CA ALA A 197 8.99 17.08 8.67
C ALA A 197 10.09 16.54 7.77
N ASP A 198 11.00 15.75 8.35
CA ASP A 198 12.15 15.22 7.63
C ASP A 198 11.74 14.48 6.36
N PRO A 199 12.21 14.95 5.20
CA PRO A 199 11.84 14.40 3.90
C PRO A 199 12.16 12.91 3.76
N ILE A 200 13.16 12.44 4.49
CA ILE A 200 13.58 11.04 4.40
C ILE A 200 12.71 10.13 5.27
N THR A 201 12.86 10.26 6.59
CA THR A 201 12.20 9.36 7.53
C THR A 201 10.77 9.76 7.84
N SER A 202 10.36 10.95 7.40
CA SER A 202 9.04 11.50 7.66
C SER A 202 8.76 11.66 9.16
N ASN A 203 9.83 11.83 9.93
CA ASN A 203 9.72 12.12 11.35
C ASN A 203 9.27 13.55 11.56
N ARG A 204 8.14 13.73 12.21
CA ARG A 204 7.57 15.06 12.42
C ARG A 204 8.46 15.94 13.30
N LYS A 205 9.29 15.29 14.13
CA LYS A 205 10.11 16.02 15.09
C LYS A 205 11.49 16.36 14.54
N SER A 206 11.72 16.05 13.27
CA SER A 206 13.00 16.37 12.63
C SER A 206 12.80 17.40 11.52
N LEU A 207 13.44 18.55 11.67
CA LEU A 207 13.29 19.65 10.72
C LEU A 207 14.50 19.75 9.79
N SER A 208 14.24 19.88 8.50
CA SER A 208 15.31 19.91 7.50
C SER A 208 15.36 21.23 6.73
N ILE A 209 16.56 21.74 6.54
CA ILE A 209 16.78 22.99 5.81
C ILE A 209 17.78 22.82 4.68
N ASP A 210 17.42 23.25 3.48
CA ASP A 210 18.36 23.30 2.37
C ASP A 210 18.70 24.75 2.06
N ALA A 211 19.96 25.13 2.28
CA ALA A 211 20.37 26.53 2.13
C ALA A 211 21.52 26.71 1.15
N SER A 212 21.43 27.75 0.33
CA SER A 212 22.47 28.09 -0.62
C SER A 212 22.64 29.60 -0.68
N PHE A 213 23.82 30.07 -1.09
CA PHE A 213 24.05 31.51 -1.21
C PHE A 213 23.24 32.10 -2.35
N GLY A 214 22.74 33.31 -2.13
CA GLY A 214 21.95 34.01 -3.12
C GLY A 214 20.63 33.33 -3.40
N LEU A 215 20.18 33.42 -4.64
CA LEU A 215 18.95 32.74 -5.05
C LEU A 215 19.28 31.43 -5.76
N GLY A 216 18.68 30.35 -5.30
CA GLY A 216 18.95 29.04 -5.86
C GLY A 216 17.69 28.20 -6.00
N GLU A 217 16.82 28.60 -6.91
CA GLU A 217 15.59 27.87 -7.17
C GLU A 217 14.98 28.28 -8.51
N SER A 221 14.14 23.97 -7.51
CA SER A 221 14.60 23.63 -6.18
C SER A 221 15.22 22.26 -6.17
N GLY A 222 16.28 22.11 -5.40
CA GLY A 222 16.99 20.87 -5.30
C GLY A 222 18.08 20.70 -6.33
N LEU A 223 18.39 21.75 -7.07
CA LEU A 223 19.42 21.64 -8.08
C LEU A 223 20.76 22.19 -7.65
N VAL A 224 20.79 23.46 -7.27
CA VAL A 224 22.01 24.14 -6.88
C VAL A 224 22.64 23.40 -5.70
N SER A 225 23.97 23.34 -5.70
CA SER A 225 24.71 22.87 -4.55
C SER A 225 24.27 23.63 -3.31
N ALA A 226 23.71 22.91 -2.34
CA ALA A 226 23.15 23.55 -1.16
C ALA A 226 23.42 22.75 0.11
N ASP A 227 23.75 23.45 1.18
CA ASP A 227 23.93 22.82 2.48
C ASP A 227 22.65 22.15 2.94
N SER A 228 22.80 21.02 3.61
CA SER A 228 21.65 20.33 4.19
C SER A 228 21.75 20.34 5.70
N TYR A 229 20.75 20.89 6.36
CA TYR A 229 20.73 20.97 7.81
C TYR A 229 19.60 20.12 8.39
N THR A 230 19.93 19.31 9.38
CA THR A 230 18.93 18.52 10.08
C THR A 230 18.86 18.93 11.55
N VAL A 231 17.83 19.67 11.90
CA VAL A 231 17.67 20.15 13.27
C VAL A 231 16.44 19.52 13.93
N ARG A 232 16.68 18.61 14.87
CA ARG A 232 15.57 18.03 15.62
C ARG A 232 14.95 19.10 16.51
N GLU A 233 15.72 19.56 17.50
CA GLU A 233 15.30 20.65 18.36
C GLU A 233 16.49 21.26 19.08
N ASN A 234 16.92 22.43 18.60
CA ASN A 234 18.10 23.15 19.11
C ASN A 234 19.39 22.40 18.90
N THR A 235 19.27 21.20 18.37
CA THR A 235 20.46 20.47 18.11
C THR A 235 20.50 20.23 16.64
N ILE A 236 21.50 20.78 15.98
CA ILE A 236 21.62 20.56 14.57
C ILE A 236 22.46 19.31 14.63
N THR A 237 21.81 18.20 14.39
CA THR A 237 22.45 16.90 14.50
C THR A 237 23.40 16.64 13.34
N ASN A 238 22.86 16.66 12.13
CA ASN A 238 23.64 16.34 10.94
C ASN A 238 23.82 17.55 10.03
N LYS A 239 25.08 17.85 9.70
CA LYS A 239 25.41 18.91 8.76
C LYS A 239 26.02 18.34 7.49
N ILE A 240 25.41 18.64 6.35
CA ILE A 240 25.98 18.27 5.07
C ILE A 240 26.37 19.54 4.32
N ILE A 241 27.48 20.15 4.74
CA ILE A 241 27.96 21.38 4.14
C ILE A 241 28.53 21.08 2.75
N ALA A 242 27.66 21.16 1.75
CA ALA A 242 28.05 20.81 0.39
C ALA A 242 29.09 21.79 -0.17
N THR A 243 29.91 21.42 -1.12
CA THR A 243 30.88 22.43 -1.49
C THR A 243 30.09 23.21 -2.45
N LYS A 244 29.43 24.23 -1.94
CA LYS A 244 28.61 25.01 -2.81
C LYS A 244 29.51 25.98 -3.46
N LYS A 245 29.84 25.70 -4.73
CA LYS A 245 30.74 26.51 -5.60
C LYS A 245 30.21 27.59 -6.57
N LEU A 246 29.02 27.37 -7.13
CA LEU A 246 28.43 28.33 -8.07
C LEU A 246 27.20 29.00 -7.45
N ALA A 247 27.42 30.12 -6.77
CA ALA A 247 26.35 30.86 -6.13
C ALA A 247 25.19 31.09 -7.10
N GLU A 257 21.93 39.12 -13.14
CA GLU A 257 22.43 38.04 -12.29
C GLU A 257 23.87 37.66 -12.64
N THR A 258 24.72 37.56 -11.62
CA THR A 258 26.10 37.20 -11.83
C THR A 258 26.29 35.78 -11.33
N ARG A 259 27.37 35.12 -11.75
CA ARG A 259 27.54 33.69 -11.86
C ARG A 259 28.99 33.29 -11.65
N ILE A 260 29.55 33.37 -10.44
CA ILE A 260 30.95 32.94 -10.26
C ILE A 260 31.30 32.80 -8.80
N LEU A 261 32.43 32.18 -8.43
CA LEU A 261 32.64 32.12 -6.99
C LEU A 261 34.03 32.34 -6.40
N GLU A 262 33.99 32.63 -5.11
CA GLU A 262 35.15 32.90 -4.28
C GLU A 262 35.46 31.61 -3.59
N LYS A 263 36.71 31.18 -3.68
CA LYS A 263 37.11 29.87 -3.13
C LYS A 263 37.01 29.57 -1.64
N SER A 264 37.36 30.51 -0.80
CA SER A 264 37.29 30.26 0.62
C SER A 264 35.93 30.35 1.18
N GLN A 265 35.12 31.20 0.58
CA GLN A 265 33.70 31.37 0.88
C GLN A 265 32.88 30.13 0.55
N GLN A 266 33.41 29.36 -0.39
CA GLN A 266 32.80 28.19 -1.01
C GLN A 266 32.36 27.05 -0.11
N THR A 267 33.15 26.76 0.90
CA THR A 267 32.95 25.63 1.82
C THR A 267 32.50 26.03 3.20
N LYS A 268 31.90 27.20 3.33
CA LYS A 268 31.51 27.67 4.64
C LYS A 268 29.99 27.55 4.73
N GLN A 269 29.48 27.26 5.91
CA GLN A 269 28.06 27.16 6.08
C GLN A 269 27.36 28.34 5.47
N THR A 270 26.15 28.13 4.99
CA THR A 270 25.33 29.19 4.41
C THR A 270 24.72 30.01 5.52
N LEU A 271 24.16 29.30 6.49
CA LEU A 271 23.58 29.90 7.66
C LEU A 271 24.46 29.57 8.87
N THR A 272 24.66 30.55 9.74
CA THR A 272 25.36 30.31 10.99
C THR A 272 24.47 29.44 11.88
N ASP A 273 25.08 28.80 12.87
CA ASP A 273 24.34 27.92 13.77
C ASP A 273 23.25 28.69 14.52
N GLN A 274 23.54 29.93 14.87
CA GLN A 274 22.54 30.81 15.46
C GLN A 274 21.42 31.07 14.47
N GLN A 275 21.78 31.26 13.20
CA GLN A 275 20.81 31.48 12.14
C GLN A 275 20.03 30.21 11.81
N ILE A 276 20.75 29.09 11.79
CA ILE A 276 20.13 27.79 11.52
C ILE A 276 19.05 27.49 12.53
N ILE A 277 19.40 27.58 13.80
CA ILE A 277 18.44 27.31 14.86
C ILE A 277 17.33 28.36 14.81
N GLN A 278 17.68 29.64 14.75
CA GLN A 278 16.68 30.71 14.64
C GLN A 278 15.66 30.40 13.54
N LEU A 279 16.15 29.96 12.39
CA LEU A 279 15.28 29.55 11.28
C LEU A 279 14.58 28.24 11.60
N ALA A 280 15.30 27.33 12.24
CA ALA A 280 14.68 26.10 12.73
C ALA A 280 13.56 26.45 13.70
N LYS A 281 13.89 27.26 14.69
CA LYS A 281 12.93 27.73 15.65
C LYS A 281 11.92 28.53 14.85
N LEU A 282 12.38 29.30 13.85
CA LEU A 282 11.41 30.05 13.09
C LEU A 282 10.48 28.94 12.60
N GLY A 283 10.96 28.17 11.62
CA GLY A 283 10.22 27.08 11.01
C GLY A 283 9.29 26.25 11.87
N ARG A 284 9.76 25.87 13.06
CA ARG A 284 9.01 25.01 13.97
C ARG A 284 7.76 25.70 14.58
N LYS A 285 7.64 27.00 14.34
CA LYS A 285 6.50 27.81 14.80
C LYS A 285 5.39 28.13 13.75
N ILE A 286 5.78 28.42 12.51
CA ILE A 286 4.82 28.76 11.45
C ILE A 286 3.82 27.62 11.23
N GLU A 287 4.28 26.39 11.45
CA GLU A 287 3.44 25.22 11.26
C GLU A 287 2.20 25.25 12.15
N ALA A 288 2.31 25.88 13.32
CA ALA A 288 1.20 25.93 14.27
C ALA A 288 0.02 26.71 13.70
N TYR A 289 0.24 27.90 13.19
CA TYR A 289 -0.85 28.70 12.65
C TYR A 289 -1.53 28.04 11.48
N PHE A 290 -0.72 27.52 10.57
CA PHE A 290 -1.22 26.81 9.41
C PHE A 290 -1.77 25.45 9.81
N GLY A 291 -1.25 24.90 10.91
CA GLY A 291 -1.68 23.61 11.41
C GLY A 291 -0.69 22.47 11.23
N LYS A 292 -0.59 21.98 10.00
CA LYS A 292 0.20 20.79 9.70
C LYS A 292 1.63 21.13 9.28
N PRO A 293 2.54 20.14 9.33
CA PRO A 293 3.89 20.27 8.80
C PRO A 293 3.93 20.98 7.44
N GLN A 294 4.75 22.02 7.34
CA GLN A 294 4.74 22.89 6.17
C GLN A 294 6.04 22.83 5.37
N ASP A 295 5.91 23.07 4.07
CA ASP A 295 7.06 23.28 3.20
C ASP A 295 7.26 24.78 3.03
N ILE A 296 8.28 25.33 3.69
CA ILE A 296 8.47 26.77 3.71
C ILE A 296 9.68 27.21 2.89
N GLU A 297 9.44 28.08 1.91
CA GLU A 297 10.53 28.68 1.16
C GLU A 297 10.91 30.01 1.81
N TRP A 298 12.21 30.21 2.04
CA TRP A 298 12.69 31.40 2.72
C TRP A 298 13.82 32.08 1.97
N CYS A 299 14.17 33.28 2.43
CA CYS A 299 15.32 34.01 1.89
C CYS A 299 15.95 34.85 2.99
N LEU A 300 17.27 34.78 3.11
CA LEU A 300 17.98 35.56 4.11
C LEU A 300 18.53 36.84 3.51
N ALA A 301 18.05 37.98 4.00
CA ALA A 301 18.45 39.28 3.48
C ALA A 301 18.88 40.20 4.61
N GLU A 302 20.14 40.65 4.55
CA GLU A 302 20.80 41.42 5.61
C GLU A 302 20.34 41.05 7.02
N GLY A 303 20.32 39.75 7.31
CA GLY A 303 20.11 39.27 8.67
C GLY A 303 18.70 38.88 9.05
N ALA A 304 17.84 38.59 8.07
CA ALA A 304 16.46 38.21 8.38
C ALA A 304 15.89 37.17 7.41
N PHE A 305 15.39 36.05 7.96
CA PHE A 305 14.70 35.02 7.16
C PHE A 305 13.21 35.31 7.03
N TYR A 306 12.79 35.94 5.94
CA TYR A 306 11.38 36.21 5.76
C TYR A 306 10.81 35.43 4.58
N ILE A 307 9.54 35.03 4.70
CA ILE A 307 8.98 33.93 3.91
C ILE A 307 8.40 34.28 2.55
N VAL A 308 8.89 33.62 1.50
CA VAL A 308 8.43 33.87 0.14
C VAL A 308 7.30 32.92 -0.27
N GLN A 309 7.27 31.72 0.32
CA GLN A 309 6.21 30.75 0.04
C GLN A 309 6.10 29.69 1.13
N SER A 310 4.88 29.25 1.41
CA SER A 310 4.63 28.22 2.41
C SER A 310 3.60 27.19 1.94
N ARG A 311 4.07 26.20 1.18
CA ARG A 311 3.23 25.10 0.74
C ARG A 311 3.04 24.08 1.87
N PRO A 312 1.86 23.46 1.94
CA PRO A 312 1.64 22.38 2.91
C PRO A 312 2.26 21.07 2.43
N ILE A 313 2.90 20.33 3.33
CA ILE A 313 3.46 19.04 2.97
C ILE A 313 2.34 18.02 2.83
N THR A 314 2.18 17.48 1.62
CA THR A 314 1.06 16.60 1.31
C THR A 314 1.48 15.15 1.08
N THR A 315 2.77 14.87 1.28
CA THR A 315 3.33 13.57 0.93
C THR A 315 3.47 12.62 2.11
N LEU A 316 3.33 13.14 3.33
CA LEU A 316 3.56 12.35 4.54
C LEU A 316 2.51 11.26 4.76
N TYR A 317 2.93 10.17 5.38
CA TYR A 317 2.00 9.11 5.76
C TYR A 317 1.35 9.47 7.09
N PRO A 318 0.01 9.43 7.14
CA PRO A 318 -0.76 9.81 8.33
C PRO A 318 -0.43 8.97 9.56
N ILE A 319 -0.34 9.64 10.70
CA ILE A 319 -0.14 8.99 11.98
C ILE A 319 -1.49 8.50 12.50
N PRO A 320 -1.54 7.25 12.99
CA PRO A 320 -2.79 6.75 13.59
C PRO A 320 -3.21 7.63 14.77
N GLU A 321 -4.44 8.13 14.77
CA GLU A 321 -4.90 8.95 15.87
C GLU A 321 -4.98 8.12 17.14
N VAL A 322 -3.86 8.07 17.86
CA VAL A 322 -3.78 7.40 19.14
C VAL A 322 -3.08 8.31 20.13
N ASN A 323 -3.92 9.05 20.84
CA ASN A 323 -3.53 10.05 21.79
C ASN A 323 -3.09 9.44 23.06
N GLU A 324 -3.06 8.12 23.10
CA GLU A 324 -2.66 7.45 24.30
C GLU A 324 -1.27 7.91 24.62
N PRO A 325 -0.96 7.76 25.95
CA PRO A 325 0.29 8.39 26.33
C PRO A 325 1.50 8.03 25.56
N GLY A 326 2.24 9.08 25.27
CA GLY A 326 3.56 9.01 24.70
C GLY A 326 3.83 8.45 23.36
N ASN A 327 5.09 8.14 23.18
CA ASN A 327 5.57 7.55 21.97
C ASN A 327 5.09 6.13 21.86
N ARG A 328 4.60 5.77 20.68
CA ARG A 328 4.09 4.43 20.40
C ARG A 328 4.69 3.85 19.12
N VAL A 329 4.57 2.53 18.96
CA VAL A 329 5.11 1.83 17.80
C VAL A 329 4.04 0.97 17.14
N TYR A 330 3.92 1.05 15.82
CA TYR A 330 2.90 0.31 15.09
C TYR A 330 3.50 -0.68 14.09
N ILE A 331 2.83 -1.82 13.93
CA ILE A 331 3.23 -2.84 12.97
C ILE A 331 2.26 -2.87 11.79
N SER A 332 2.81 -2.88 10.57
CA SER A 332 1.98 -2.87 9.37
C SER A 332 1.23 -4.19 9.16
N VAL A 333 -0.09 -4.12 9.22
CA VAL A 333 -0.93 -5.29 8.97
C VAL A 333 -0.79 -5.73 7.51
N ALA A 334 -0.70 -4.77 6.61
CA ALA A 334 -0.63 -5.03 5.17
C ALA A 334 0.52 -5.95 4.81
N HIS A 335 1.66 -5.79 5.47
CA HIS A 335 2.84 -6.61 5.21
C HIS A 335 2.62 -8.07 5.60
N GLN A 336 2.01 -8.28 6.77
CA GLN A 336 1.75 -9.63 7.26
C GLN A 336 0.55 -10.26 6.56
N GLN A 337 -0.34 -9.42 6.05
CA GLN A 337 -1.56 -9.91 5.42
C GLN A 337 -1.39 -10.04 3.91
N MSE A 338 -0.20 -9.65 3.43
CA MSE A 338 0.13 -9.72 2.01
C MSE A 338 -0.92 -8.99 1.17
O MSE A 338 -1.54 -9.58 0.28
CB MSE A 338 0.25 -11.20 1.58
CG MSE A 338 0.88 -11.42 0.22
SE MSE A 338 2.81 -11.12 0.14
CE MSE A 338 3.42 -12.96 0.17
N MSE A 339 -1.11 -7.71 1.47
CA MSE A 339 -2.11 -6.90 0.79
C MSE A 339 -1.91 -5.43 1.13
O MSE A 339 -2.43 -4.93 2.13
CB MSE A 339 -3.52 -7.35 1.20
CG MSE A 339 -4.56 -7.21 0.10
SE MSE A 339 -4.95 -5.35 -0.35
CE MSE A 339 -5.70 -4.78 1.37
N THR A 340 -1.17 -4.72 0.29
CA THR A 340 -0.73 -3.36 0.60
C THR A 340 -1.61 -2.26 0.00
N ASP A 341 -2.72 -2.63 -0.62
CA ASP A 341 -3.62 -1.64 -1.19
C ASP A 341 -4.33 -0.85 -0.10
N ALA A 342 -4.64 0.41 -0.41
CA ALA A 342 -5.44 1.23 0.50
C ALA A 342 -6.85 0.67 0.58
N MSE A 343 -7.44 0.72 1.76
CA MSE A 343 -8.78 0.19 1.96
C MSE A 343 -9.79 1.31 2.20
O MSE A 343 -9.43 2.38 2.68
CB MSE A 343 -8.79 -0.80 3.13
CG MSE A 343 -7.88 -2.00 2.92
SE MSE A 343 -7.73 -3.12 4.51
CE MSE A 343 -5.91 -2.64 5.04
N LYS A 344 -11.04 1.05 1.85
CA LYS A 344 -12.10 2.02 2.06
C LYS A 344 -12.61 1.91 3.50
N PRO A 345 -13.09 3.04 4.06
CA PRO A 345 -13.57 3.14 5.44
C PRO A 345 -14.47 1.98 5.89
N LEU A 346 -15.44 1.60 5.09
CA LEU A 346 -16.36 0.53 5.46
C LEU A 346 -15.64 -0.80 5.60
N GLY A 347 -14.71 -1.07 4.67
CA GLY A 347 -13.92 -2.27 4.71
C GLY A 347 -12.97 -2.26 5.90
N LEU A 348 -12.34 -1.11 6.13
CA LEU A 348 -11.49 -0.91 7.30
C LEU A 348 -12.24 -1.18 8.58
N SER A 349 -13.47 -0.67 8.64
CA SER A 349 -14.31 -0.81 9.83
C SER A 349 -14.55 -2.26 10.19
N PHE A 350 -14.80 -3.10 9.19
CA PHE A 350 -15.13 -4.50 9.46
C PHE A 350 -13.92 -5.32 9.91
N TYR A 351 -12.74 -4.98 9.42
CA TYR A 351 -11.54 -5.69 9.86
C TYR A 351 -11.24 -5.33 11.31
N LEU A 352 -11.48 -4.07 11.66
CA LEU A 352 -11.26 -3.59 13.02
C LEU A 352 -12.26 -4.20 14.00
N MSE A 353 -13.47 -4.46 13.53
CA MSE A 353 -14.51 -5.03 14.38
C MSE A 353 -14.34 -6.54 14.51
O MSE A 353 -15.03 -7.17 15.32
CB MSE A 353 -15.90 -4.70 13.83
CG MSE A 353 -16.26 -3.23 13.90
SE MSE A 353 -18.09 -2.87 13.32
CE MSE A 353 -17.99 -3.64 11.53
N THR A 354 -13.45 -7.12 13.73
CA THR A 354 -13.19 -8.56 13.78
C THR A 354 -12.01 -8.88 14.68
N THR A 355 -10.99 -8.01 14.64
CA THR A 355 -9.71 -8.30 15.29
C THR A 355 -9.74 -8.17 16.82
N PRO A 356 -9.06 -9.10 17.50
CA PRO A 356 -8.85 -9.04 18.96
C PRO A 356 -7.59 -8.26 19.33
N ALA A 357 -6.82 -7.87 18.32
CA ALA A 357 -5.61 -7.10 18.53
C ALA A 357 -5.93 -5.62 18.68
N THR A 358 -5.11 -4.89 19.43
CA THR A 358 -5.28 -3.45 19.54
C THR A 358 -4.83 -2.79 18.24
N MSE A 359 -5.78 -2.69 17.31
CA MSE A 359 -5.48 -2.25 15.95
C MSE A 359 -6.07 -0.87 15.65
O MSE A 359 -7.11 -0.50 16.20
CB MSE A 359 -6.01 -3.28 14.95
CG MSE A 359 -5.47 -3.13 13.54
SE MSE A 359 -6.15 -4.53 12.37
CE MSE A 359 -5.31 -6.08 13.22
N TYR A 360 -5.40 -0.12 14.80
CA TYR A 360 -5.86 1.20 14.39
C TYR A 360 -5.67 1.40 12.90
N THR A 361 -6.26 2.45 12.34
CA THR A 361 -6.13 2.72 10.92
C THR A 361 -5.39 4.02 10.64
N ALA A 362 -4.72 4.06 9.49
CA ALA A 362 -3.95 5.22 9.07
C ALA A 362 -3.58 5.09 7.59
N GLY A 363 -3.86 6.13 6.82
CA GLY A 363 -3.58 6.11 5.39
C GLY A 363 -4.34 5.01 4.68
N GLY A 364 -5.57 4.77 5.13
CA GLY A 364 -6.43 3.77 4.52
C GLY A 364 -5.98 2.35 4.76
N ARG A 365 -5.07 2.16 5.72
CA ARG A 365 -4.53 0.84 6.01
C ARG A 365 -4.51 0.58 7.51
N LEU A 366 -4.06 -0.61 7.90
CA LEU A 366 -4.19 -1.04 9.29
C LEU A 366 -2.85 -1.23 9.99
N PHE A 367 -2.80 -0.87 11.27
CA PHE A 367 -1.59 -0.98 12.06
C PHE A 367 -1.88 -1.47 13.48
N VAL A 368 -0.97 -2.28 14.01
CA VAL A 368 -1.13 -2.83 15.35
C VAL A 368 -0.20 -2.16 16.35
N ASP A 369 -0.77 -1.63 17.42
CA ASP A 369 0.01 -1.00 18.47
C ASP A 369 0.65 -2.07 19.37
N ILE A 370 1.97 -2.18 19.32
CA ILE A 370 2.69 -3.15 20.14
C ILE A 370 3.50 -2.47 21.23
N THR A 371 3.14 -1.23 21.56
CA THR A 371 3.89 -0.43 22.51
C THR A 371 3.90 -1.03 23.92
N GLN A 372 2.72 -1.45 24.39
CA GLN A 372 2.61 -2.05 25.71
C GLN A 372 3.47 -3.30 25.82
N SER A 373 3.56 -4.05 24.72
CA SER A 373 4.38 -5.25 24.68
C SER A 373 5.86 -4.91 24.84
N LEU A 374 6.24 -3.72 24.40
CA LEU A 374 7.63 -3.30 24.45
C LEU A 374 7.99 -2.58 25.75
N SER A 375 7.04 -2.50 26.67
CA SER A 375 7.24 -1.81 27.94
C SER A 375 7.89 -2.69 28.99
N ALA A 376 7.98 -3.98 28.70
CA ALA A 376 8.62 -4.95 29.61
C ALA A 376 9.57 -5.86 28.82
N LYS A 377 10.64 -6.32 29.47
CA LYS A 377 11.68 -7.06 28.77
C LYS A 377 11.23 -8.44 28.31
N VAL A 378 10.58 -9.20 29.18
CA VAL A 378 10.19 -10.56 28.84
C VAL A 378 9.09 -10.59 27.77
N SER A 379 8.29 -9.53 27.72
CA SER A 379 7.20 -9.45 26.77
C SER A 379 7.69 -8.93 25.43
N ARG A 380 8.72 -8.09 25.46
CA ARG A 380 9.23 -7.46 24.25
C ARG A 380 10.34 -8.30 23.62
N ASP A 381 10.99 -9.14 24.43
CA ASP A 381 11.88 -10.15 23.88
C ASP A 381 11.05 -11.15 23.10
N MSE A 382 9.92 -11.53 23.67
CA MSE A 382 9.00 -12.45 23.03
C MSE A 382 8.43 -11.85 21.75
O MSE A 382 8.44 -12.49 20.70
CB MSE A 382 7.85 -12.83 23.97
CG MSE A 382 8.14 -14.03 24.86
SE MSE A 382 6.52 -14.67 25.74
CE MSE A 382 5.37 -14.84 24.16
N MSE A 383 7.96 -10.61 21.84
CA MSE A 383 7.34 -9.92 20.70
C MSE A 383 8.32 -9.75 19.54
O MSE A 383 8.00 -10.06 18.40
CB MSE A 383 6.81 -8.56 21.14
CG MSE A 383 6.10 -7.79 20.03
SE MSE A 383 4.55 -8.74 19.33
CE MSE A 383 3.43 -8.75 20.93
N VAL A 384 9.52 -9.27 19.85
CA VAL A 384 10.56 -9.05 18.85
C VAL A 384 10.95 -10.34 18.14
N ASN A 385 11.19 -11.39 18.93
CA ASN A 385 11.63 -12.67 18.38
C ASN A 385 10.53 -13.41 17.63
N SER A 386 9.31 -13.32 18.13
CA SER A 386 8.17 -13.97 17.48
C SER A 386 7.92 -13.38 16.10
N LEU A 387 7.98 -12.06 16.02
CA LEU A 387 7.75 -11.35 14.77
C LEU A 387 8.92 -11.52 13.81
N GLY A 388 10.12 -11.66 14.36
CA GLY A 388 11.31 -11.86 13.56
C GLY A 388 11.26 -13.16 12.77
N GLN A 389 10.56 -14.15 13.32
CA GLN A 389 10.44 -15.44 12.67
C GLN A 389 9.38 -15.40 11.56
N SER A 390 8.59 -14.34 11.53
CA SER A 390 7.66 -14.12 10.43
C SER A 390 8.39 -13.43 9.28
N ASP A 391 9.02 -12.31 9.58
CA ASP A 391 9.96 -11.66 8.66
C ASP A 391 10.95 -10.82 9.45
N PRO A 392 12.25 -11.11 9.27
CA PRO A 392 13.37 -10.50 10.01
C PRO A 392 13.42 -8.97 9.94
N LEU A 393 12.83 -8.39 8.89
CA LEU A 393 12.85 -6.94 8.73
C LEU A 393 12.07 -6.25 9.85
N ILE A 394 11.06 -6.92 10.38
CA ILE A 394 10.34 -6.43 11.55
C ILE A 394 11.28 -6.30 12.74
N LYS A 395 11.96 -7.40 13.05
CA LYS A 395 12.89 -7.46 14.16
C LYS A 395 13.98 -6.40 14.05
N ASP A 396 14.58 -6.28 12.88
CA ASP A 396 15.64 -5.30 12.64
C ASP A 396 15.10 -3.87 12.80
N ALA A 397 13.88 -3.65 12.33
CA ALA A 397 13.25 -2.34 12.44
C ALA A 397 12.88 -2.03 13.90
N LEU A 398 12.47 -3.05 14.63
CA LEU A 398 12.14 -2.89 16.04
C LEU A 398 13.37 -2.55 16.85
N LEU A 399 14.48 -3.24 16.56
CA LEU A 399 15.75 -2.99 17.26
C LEU A 399 16.23 -1.56 17.01
N THR A 400 15.93 -1.04 15.83
CA THR A 400 16.25 0.34 15.49
C THR A 400 15.45 1.29 16.38
N VAL A 401 14.18 0.98 16.58
CA VAL A 401 13.29 1.76 17.44
C VAL A 401 13.76 1.70 18.89
N ILE A 402 14.10 0.49 19.35
CA ILE A 402 14.56 0.29 20.71
C ILE A 402 15.87 1.03 20.97
N ASN A 403 16.78 0.98 20.01
CA ASN A 403 18.06 1.67 20.11
C ASN A 403 17.93 3.18 20.00
N LYS A 404 16.72 3.64 19.68
CA LYS A 404 16.44 5.07 19.57
C LYS A 404 16.11 5.66 20.94
N LYS A 405 17.07 6.39 21.51
CA LYS A 405 16.90 6.97 22.83
C LYS A 405 15.93 8.16 22.80
N GLY A 406 15.23 8.37 23.90
CA GLY A 406 14.30 9.48 24.00
C GLY A 406 12.94 9.18 23.41
N PHE A 407 12.77 7.97 22.89
CA PHE A 407 11.50 7.58 22.30
C PHE A 407 10.76 6.58 23.18
N LEU A 408 11.20 5.32 23.15
CA LEU A 408 10.60 4.28 23.98
C LEU A 408 11.13 4.37 25.40
N PRO A 409 10.23 4.38 26.39
CA PRO A 409 10.61 4.40 27.80
C PRO A 409 11.49 3.20 28.18
N PRO A 410 12.52 3.42 28.99
CA PRO A 410 13.45 2.37 29.40
C PRO A 410 12.78 1.28 30.24
N LEU A 411 13.46 0.15 30.41
CA LEU A 411 12.92 -0.97 31.15
C LEU A 411 13.36 -0.92 32.62
N PRO A 412 12.39 -0.85 33.54
CA PRO A 412 12.66 -0.83 34.98
C PRO A 412 13.25 -2.15 35.45
N THR A 413 13.77 -2.17 36.68
CA THR A 413 14.28 -3.41 37.27
C THR A 413 14.07 -3.42 38.78
N VAL A 428 4.82 -26.39 25.43
CA VAL A 428 4.33 -27.24 24.36
C VAL A 428 2.83 -27.11 24.20
N ARG A 429 2.37 -27.02 22.95
CA ARG A 429 0.96 -26.81 22.66
C ARG A 429 0.23 -28.12 22.36
N SER A 430 -1.07 -28.14 22.62
CA SER A 430 -1.89 -29.32 22.39
C SER A 430 -2.11 -29.54 20.89
N ILE A 431 -2.27 -30.80 20.50
CA ILE A 431 -2.55 -31.15 19.11
C ILE A 431 -3.85 -31.92 19.00
N PRO A 432 -4.80 -31.40 18.23
CA PRO A 432 -6.09 -32.06 18.03
C PRO A 432 -5.93 -33.35 17.23
N ASP A 433 -6.89 -34.26 17.34
CA ASP A 433 -6.82 -35.52 16.62
C ASP A 433 -7.11 -35.33 15.13
N SER A 434 -7.23 -36.43 14.41
CA SER A 434 -7.40 -36.40 12.97
C SER A 434 -8.71 -35.74 12.54
N SER A 435 -9.80 -36.10 13.21
CA SER A 435 -11.15 -35.69 12.81
C SER A 435 -11.40 -34.19 12.92
N SER A 436 -10.63 -33.51 13.75
CA SER A 436 -10.85 -32.09 14.06
C SER A 436 -10.94 -31.20 12.82
N VAL A 437 -9.99 -31.36 11.91
CA VAL A 437 -9.94 -30.54 10.71
C VAL A 437 -11.21 -30.66 9.87
N PHE A 438 -11.69 -31.88 9.68
CA PHE A 438 -12.90 -32.12 8.91
C PHE A 438 -14.12 -31.50 9.59
N GLU A 439 -14.18 -31.59 10.91
CA GLU A 439 -15.30 -31.07 11.68
C GLU A 439 -15.26 -29.55 11.77
N LEU A 440 -14.06 -28.98 11.83
CA LEU A 440 -13.90 -27.53 11.87
C LEU A 440 -14.41 -26.89 10.59
N VAL A 441 -14.20 -27.58 9.47
CA VAL A 441 -14.65 -27.09 8.17
C VAL A 441 -16.18 -27.13 8.06
N ARG A 442 -16.75 -28.27 8.42
CA ARG A 442 -18.21 -28.45 8.37
C ARG A 442 -18.93 -27.48 9.28
N ASN A 443 -18.39 -27.30 10.49
CA ASN A 443 -18.96 -26.36 11.45
C ASN A 443 -18.93 -24.94 10.89
N SER A 444 -17.87 -24.62 10.16
CA SER A 444 -17.76 -23.32 9.51
C SER A 444 -18.76 -23.22 8.36
N GLU A 445 -18.82 -24.27 7.54
CA GLU A 445 -19.76 -24.32 6.42
C GLU A 445 -21.20 -24.17 6.88
N ASN A 446 -21.56 -24.91 7.93
CA ASN A 446 -22.91 -24.87 8.48
C ASN A 446 -23.24 -23.49 9.07
N SER A 447 -22.24 -22.85 9.65
CA SER A 447 -22.41 -21.50 10.21
C SER A 447 -22.74 -20.52 9.09
N ILE A 448 -22.07 -20.68 7.95
CA ILE A 448 -22.31 -19.83 6.79
C ILE A 448 -23.73 -20.02 6.26
N LYS A 449 -24.16 -21.28 6.22
CA LYS A 449 -25.51 -21.62 5.75
C LYS A 449 -26.58 -20.94 6.60
N HIS A 450 -26.39 -20.98 7.92
CA HIS A 450 -27.32 -20.36 8.85
C HIS A 450 -27.34 -18.84 8.69
N LEU A 451 -26.16 -18.28 8.45
CA LEU A 451 -26.03 -16.84 8.23
C LEU A 451 -26.80 -16.39 7.00
N LYS A 452 -26.70 -17.17 5.93
CA LYS A 452 -27.40 -16.87 4.69
C LYS A 452 -28.92 -16.90 4.88
N GLN A 453 -29.40 -17.85 5.67
CA GLN A 453 -30.83 -18.01 5.90
C GLN A 453 -31.34 -17.00 6.93
N SER A 454 -30.44 -16.33 7.62
CA SER A 454 -30.83 -15.39 8.67
C SER A 454 -30.77 -13.94 8.20
N ILE A 455 -29.69 -13.59 7.50
CA ILE A 455 -29.49 -12.22 7.05
C ILE A 455 -30.47 -11.84 5.94
N GLU A 456 -31.02 -12.85 5.28
CA GLU A 456 -31.88 -12.64 4.12
C GLU A 456 -33.20 -11.96 4.50
N THR A 457 -33.55 -12.01 5.78
CA THR A 457 -34.81 -11.47 6.25
C THR A 457 -34.61 -10.14 6.98
N LYS A 458 -33.38 -9.63 6.95
CA LYS A 458 -33.04 -8.41 7.69
C LYS A 458 -32.88 -7.21 6.76
N SER A 459 -33.36 -6.06 7.22
CA SER A 459 -33.20 -4.81 6.49
C SER A 459 -33.22 -3.63 7.46
N GLY A 460 -32.70 -2.49 7.01
CA GLY A 460 -32.65 -1.31 7.84
C GLY A 460 -31.79 -1.51 9.07
N SER A 461 -32.25 -0.97 10.21
CA SER A 461 -31.50 -1.08 11.46
C SER A 461 -31.51 -2.50 12.00
N ASP A 462 -32.48 -3.30 11.57
CA ASP A 462 -32.53 -4.71 11.94
C ASP A 462 -31.30 -5.43 11.41
N LEU A 463 -30.91 -5.09 10.17
CA LEU A 463 -29.74 -5.69 9.53
C LEU A 463 -28.46 -5.38 10.30
N PHE A 464 -28.29 -4.11 10.66
CA PHE A 464 -27.08 -3.67 11.35
C PHE A 464 -27.01 -4.25 12.76
N ASP A 465 -28.16 -4.40 13.41
CA ASP A 465 -28.23 -5.06 14.70
C ASP A 465 -27.83 -6.53 14.55
N PHE A 466 -28.26 -7.14 13.45
CA PHE A 466 -27.96 -8.54 13.19
C PHE A 466 -26.47 -8.76 12.89
N ILE A 467 -25.88 -7.84 12.13
CA ILE A 467 -24.47 -7.95 11.76
C ILE A 467 -23.57 -7.89 12.98
N VAL A 468 -23.87 -6.97 13.89
CA VAL A 468 -23.13 -6.86 15.14
C VAL A 468 -23.18 -8.16 15.92
N GLU A 469 -24.36 -8.80 15.94
CA GLU A 469 -24.53 -10.07 16.62
C GLU A 469 -23.79 -11.20 15.92
N ASP A 470 -23.79 -11.19 14.59
CA ASP A 470 -23.16 -12.25 13.82
C ASP A 470 -21.63 -12.13 13.87
N LEU A 471 -21.13 -10.94 14.18
CA LEU A 471 -19.69 -10.72 14.30
C LEU A 471 -19.11 -11.56 15.43
N GLU A 472 -19.92 -11.81 16.46
CA GLU A 472 -19.50 -12.69 17.55
C GLU A 472 -19.33 -14.11 17.06
N GLU A 473 -20.21 -14.54 16.16
CA GLU A 473 -20.14 -15.87 15.59
C GLU A 473 -18.93 -15.99 14.67
N LEU A 474 -18.60 -14.91 13.98
CA LEU A 474 -17.39 -14.89 13.16
C LEU A 474 -16.16 -15.10 14.01
N LYS A 475 -16.11 -14.41 15.16
CA LYS A 475 -14.97 -14.51 16.06
C LYS A 475 -14.86 -15.90 16.68
N ARG A 476 -15.99 -16.55 16.93
CA ARG A 476 -15.99 -17.89 17.49
C ARG A 476 -15.39 -18.89 16.50
N VAL A 477 -15.82 -18.79 15.25
CA VAL A 477 -15.31 -19.67 14.20
C VAL A 477 -13.86 -19.35 13.89
N LEU A 478 -13.51 -18.06 13.92
CA LEU A 478 -12.18 -17.60 13.56
C LEU A 478 -11.14 -17.85 14.64
N PHE A 479 -11.54 -17.78 15.90
CA PHE A 479 -10.59 -17.89 17.00
C PHE A 479 -10.97 -19.01 17.97
N ASN A 480 -11.65 -20.02 17.45
CA ASN A 480 -11.88 -21.28 18.16
C ASN A 480 -10.55 -21.81 18.67
N PRO A 481 -10.46 -22.05 20.00
CA PRO A 481 -9.26 -22.63 20.62
C PRO A 481 -8.79 -23.90 19.91
N THR A 482 -9.73 -24.71 19.45
CA THR A 482 -9.40 -25.93 18.71
C THR A 482 -8.88 -25.59 17.32
N SER A 483 -9.49 -24.60 16.67
CA SER A 483 -9.07 -24.16 15.35
C SER A 483 -7.67 -23.56 15.39
N ILE A 484 -7.35 -22.86 16.47
CA ILE A 484 -6.04 -22.28 16.65
C ILE A 484 -5.00 -23.38 16.85
N ASP A 485 -5.37 -24.40 17.62
CA ASP A 485 -4.51 -25.57 17.82
C ASP A 485 -4.23 -26.26 16.50
N ALA A 486 -5.22 -26.29 15.63
CA ALA A 486 -5.08 -26.90 14.31
C ALA A 486 -4.09 -26.13 13.45
N ILE A 487 -4.21 -24.80 13.46
CA ILE A 487 -3.32 -23.94 12.68
C ILE A 487 -1.89 -24.02 13.18
N MSE A 488 -1.72 -23.93 14.50
CA MSE A 488 -0.39 -23.98 15.10
C MSE A 488 0.24 -25.35 14.97
O MSE A 488 1.48 -25.47 14.97
CB MSE A 488 -0.47 -23.58 16.59
CG MSE A 488 -0.87 -22.13 16.82
SE MSE A 488 0.18 -20.88 15.75
CE MSE A 488 -1.27 -19.96 14.84
N ALA A 489 -0.58 -26.38 14.85
CA ALA A 489 -0.09 -27.75 14.69
C ALA A 489 0.76 -27.89 13.44
N GLY A 490 0.29 -27.33 12.34
CA GLY A 490 1.04 -27.35 11.09
C GLY A 490 2.28 -26.50 11.16
N MSE A 491 2.15 -25.30 11.73
CA MSE A 491 3.27 -24.38 11.85
C MSE A 491 4.38 -24.94 12.75
O MSE A 491 5.55 -24.92 12.37
CB MSE A 491 2.79 -23.04 12.42
CG MSE A 491 1.91 -22.23 11.48
SE MSE A 491 1.69 -20.40 12.09
CE MSE A 491 0.52 -19.73 10.68
N ASP A 492 3.99 -25.44 13.92
CA ASP A 492 4.97 -26.00 14.87
C ASP A 492 5.71 -27.17 14.26
N ALA A 493 5.02 -27.97 13.45
CA ALA A 493 5.63 -29.12 12.80
C ALA A 493 6.66 -28.68 11.77
N SER A 494 6.34 -27.61 11.04
CA SER A 494 7.25 -27.06 10.05
C SER A 494 8.57 -26.62 10.69
N ALA A 495 8.45 -25.79 11.72
CA ALA A 495 9.62 -25.25 12.42
C ALA A 495 10.45 -26.35 13.07
N TRP A 496 9.77 -27.33 13.66
CA TRP A 496 10.45 -28.47 14.27
C TRP A 496 11.27 -29.22 13.24
N LEU A 497 10.64 -29.50 12.10
CA LEU A 497 11.31 -30.21 11.01
C LEU A 497 12.48 -29.42 10.47
N ASN A 498 12.23 -28.16 10.09
CA ASN A 498 13.26 -27.30 9.52
C ASN A 498 14.52 -27.19 10.37
N GLU A 499 14.34 -27.08 11.68
CA GLU A 499 15.48 -26.86 12.56
C GLU A 499 16.17 -28.17 12.95
N HIS A 500 15.40 -29.25 13.08
CA HIS A 500 15.97 -30.52 13.51
C HIS A 500 16.65 -31.25 12.36
N ILE A 501 16.10 -31.12 11.15
CA ILE A 501 16.68 -31.76 9.98
C ILE A 501 17.97 -31.06 9.57
N TYR A 502 17.98 -29.72 9.61
CA TYR A 502 19.19 -28.98 9.29
C TYR A 502 20.27 -29.24 10.33
N GLN A 503 19.85 -29.49 11.57
CA GLN A 503 20.79 -29.76 12.64
C GLN A 503 21.37 -31.16 12.52
N TRP A 504 20.58 -32.07 11.97
CA TRP A 504 20.97 -33.48 11.89
C TRP A 504 21.61 -33.83 10.55
N LEU A 505 21.15 -33.22 9.47
CA LEU A 505 21.62 -33.58 8.14
C LEU A 505 22.22 -32.41 7.37
N GLY A 506 21.92 -31.19 7.80
CA GLY A 506 22.43 -30.00 7.13
C GLY A 506 21.55 -29.56 5.99
N GLU A 507 20.35 -30.13 5.91
CA GLU A 507 19.39 -29.77 4.87
C GLU A 507 18.50 -28.62 5.36
N LYS A 508 18.57 -27.49 4.65
CA LYS A 508 17.88 -26.29 5.08
C LYS A 508 16.44 -26.23 4.54
N ASN A 509 15.51 -25.88 5.44
CA ASN A 509 14.10 -25.72 5.10
C ASN A 509 13.51 -26.92 4.36
N VAL A 510 13.65 -28.10 4.97
CA VAL A 510 13.19 -29.34 4.35
C VAL A 510 11.66 -29.41 4.33
N ALA A 511 11.00 -28.66 5.21
CA ALA A 511 9.55 -28.70 5.33
C ALA A 511 8.87 -28.14 4.09
N ASP A 512 9.62 -27.40 3.27
CA ASP A 512 9.09 -26.89 2.00
C ASP A 512 8.70 -28.04 1.09
N LYS A 513 9.66 -28.92 0.82
CA LYS A 513 9.44 -30.06 -0.07
C LYS A 513 8.41 -31.02 0.51
N LEU A 514 8.42 -31.17 1.84
CA LEU A 514 7.50 -32.08 2.51
C LEU A 514 6.07 -31.55 2.54
N SER A 515 5.92 -30.24 2.36
CA SER A 515 4.60 -29.62 2.37
C SER A 515 3.95 -29.70 0.99
N GLU A 516 4.69 -30.18 0.01
CA GLU A 516 4.24 -30.18 -1.39
C GLU A 516 3.01 -31.04 -1.60
N SER A 517 1.99 -30.45 -2.23
CA SER A 517 0.71 -31.11 -2.47
C SER A 517 0.06 -31.61 -1.19
N ALA A 518 0.08 -30.78 -0.16
CA ALA A 518 -0.62 -31.10 1.08
C ALA A 518 -2.13 -31.10 0.84
N PRO A 519 -2.83 -32.08 1.42
CA PRO A 519 -4.27 -32.22 1.20
C PRO A 519 -5.08 -31.13 1.91
N ASN A 520 -6.32 -30.93 1.45
CA ASN A 520 -7.28 -30.05 2.09
C ASN A 520 -6.81 -28.61 2.27
N ASN A 521 -6.23 -28.04 1.22
CA ASN A 521 -5.92 -26.61 1.20
C ASN A 521 -6.84 -25.90 0.23
N ILE A 522 -7.79 -25.13 0.78
CA ILE A 522 -8.83 -24.50 -0.02
C ILE A 522 -8.27 -23.51 -1.04
N THR A 523 -7.14 -22.89 -0.71
CA THR A 523 -6.54 -21.89 -1.59
C THR A 523 -5.76 -22.57 -2.72
N SER A 524 -5.08 -23.65 -2.39
CA SER A 524 -4.34 -24.42 -3.39
C SER A 524 -5.29 -25.08 -4.39
N GLN A 525 -6.37 -25.64 -3.87
CA GLN A 525 -7.38 -26.28 -4.72
C GLN A 525 -7.96 -25.29 -5.72
N MSE A 526 -8.23 -24.08 -5.25
CA MSE A 526 -8.77 -23.02 -6.09
C MSE A 526 -7.91 -22.73 -7.32
O MSE A 526 -8.42 -22.59 -8.43
CB MSE A 526 -8.95 -21.74 -5.27
CG MSE A 526 -9.48 -20.56 -6.05
SE MSE A 526 -9.62 -18.97 -4.94
CE MSE A 526 -7.76 -18.87 -4.37
N GLY A 527 -6.60 -22.65 -7.10
CA GLY A 527 -5.67 -22.36 -8.17
C GLY A 527 -5.58 -23.48 -9.20
N LEU A 528 -5.60 -24.72 -8.73
CA LEU A 528 -5.49 -25.87 -9.61
C LEU A 528 -6.79 -26.18 -10.34
N GLU A 529 -7.91 -25.92 -9.68
CA GLU A 529 -9.22 -26.23 -10.26
C GLU A 529 -9.59 -25.30 -11.41
N LEU A 530 -8.87 -24.18 -11.52
CA LEU A 530 -9.08 -23.27 -12.64
C LEU A 530 -8.51 -23.87 -13.91
N LEU A 531 -7.59 -24.82 -13.75
CA LEU A 531 -7.08 -25.59 -14.88
C LEU A 531 -8.18 -26.50 -15.42
N ASP A 532 -8.99 -27.02 -14.50
CA ASP A 532 -10.11 -27.90 -14.87
C ASP A 532 -11.17 -27.14 -15.65
N VAL A 533 -11.42 -25.90 -15.24
CA VAL A 533 -12.36 -25.03 -15.95
C VAL A 533 -11.89 -24.83 -17.39
N ALA A 534 -10.59 -24.56 -17.54
CA ALA A 534 -9.99 -24.36 -18.85
C ALA A 534 -10.02 -25.64 -19.68
N ASP A 535 -10.08 -26.79 -18.99
CA ASP A 535 -10.14 -28.08 -19.67
C ASP A 535 -11.52 -28.28 -20.32
N VAL A 536 -12.55 -27.72 -19.68
CA VAL A 536 -13.91 -27.82 -20.19
C VAL A 536 -14.08 -26.95 -21.43
N ILE A 537 -13.49 -25.76 -21.39
CA ILE A 537 -13.64 -24.77 -22.45
C ILE A 537 -12.79 -25.10 -23.68
N ARG A 538 -11.62 -25.69 -23.44
CA ARG A 538 -10.63 -25.94 -24.50
C ARG A 538 -11.16 -26.63 -25.77
N PRO A 539 -12.06 -27.63 -25.65
CA PRO A 539 -12.51 -28.24 -26.90
C PRO A 539 -13.48 -27.39 -27.73
N TYR A 540 -14.03 -26.33 -27.15
CA TYR A 540 -15.04 -25.53 -27.84
C TYR A 540 -14.47 -24.26 -28.47
N PRO A 541 -14.32 -24.27 -29.81
CA PRO A 541 -13.72 -23.16 -30.55
C PRO A 541 -14.56 -21.89 -30.52
N ALA A 542 -15.87 -22.04 -30.63
CA ALA A 542 -16.78 -20.88 -30.69
C ALA A 542 -16.78 -20.11 -29.38
N VAL A 543 -16.70 -20.83 -28.27
CA VAL A 543 -16.67 -20.22 -26.94
C VAL A 543 -15.34 -19.50 -26.72
N ARG A 544 -14.25 -20.11 -27.18
CA ARG A 544 -12.93 -19.54 -27.03
C ARG A 544 -12.79 -18.23 -27.82
N ALA A 545 -13.32 -18.22 -29.04
CA ALA A 545 -13.29 -17.02 -29.88
C ALA A 545 -14.04 -15.87 -29.22
N TYR A 546 -15.01 -16.21 -28.37
CA TYR A 546 -15.80 -15.22 -27.66
C TYR A 546 -15.05 -14.64 -26.46
N LEU A 547 -14.53 -15.52 -25.62
CA LEU A 547 -13.83 -15.11 -24.41
C LEU A 547 -12.53 -14.37 -24.72
N GLU A 548 -11.88 -14.76 -25.81
CA GLU A 548 -10.63 -14.14 -26.23
C GLU A 548 -10.81 -12.67 -26.62
N GLN A 549 -12.06 -12.24 -26.74
CA GLN A 549 -12.35 -10.94 -27.33
C GLN A 549 -13.28 -10.06 -26.49
N THR A 550 -14.24 -10.68 -25.82
CA THR A 550 -15.30 -9.94 -25.16
C THR A 550 -14.83 -9.11 -23.97
N LYS A 551 -15.53 -8.00 -23.74
CA LYS A 551 -15.31 -7.15 -22.56
C LYS A 551 -16.63 -6.92 -21.86
N ASN A 552 -17.64 -7.67 -22.26
CA ASN A 552 -18.98 -7.59 -21.67
C ASN A 552 -18.99 -8.19 -20.27
N PRO A 553 -19.33 -7.38 -19.26
CA PRO A 553 -19.45 -7.85 -17.88
C PRO A 553 -20.45 -8.98 -17.73
N ASP A 554 -21.51 -8.94 -18.54
CA ASP A 554 -22.55 -9.96 -18.50
C ASP A 554 -22.32 -11.06 -19.52
N PHE A 555 -21.05 -11.37 -19.80
CA PHE A 555 -20.70 -12.30 -20.87
C PHE A 555 -21.26 -13.71 -20.61
N MSE A 556 -21.46 -14.05 -19.34
CA MSE A 556 -21.98 -15.37 -18.99
C MSE A 556 -23.42 -15.55 -19.39
O MSE A 556 -23.92 -16.67 -19.48
CB MSE A 556 -21.82 -15.62 -17.48
CG MSE A 556 -20.38 -15.83 -17.04
SE MSE A 556 -20.28 -16.70 -15.30
CE MSE A 556 -21.41 -15.48 -14.27
N ASN A 557 -24.11 -14.44 -19.65
CA ASN A 557 -25.50 -14.48 -20.11
C ASN A 557 -25.60 -14.62 -21.63
N GLU A 558 -24.45 -14.66 -22.29
CA GLU A 558 -24.41 -14.73 -23.75
C GLU A 558 -23.79 -16.04 -24.24
N LEU A 559 -23.48 -16.93 -23.32
CA LEU A 559 -22.83 -18.20 -23.67
C LEU A 559 -23.81 -19.20 -24.25
N ALA A 560 -25.05 -19.15 -23.80
CA ALA A 560 -26.07 -20.13 -24.18
C ALA A 560 -26.28 -20.24 -25.69
N THR A 561 -25.91 -19.20 -26.41
CA THR A 561 -26.08 -19.17 -27.86
C THR A 561 -24.93 -19.85 -28.59
N LEU A 562 -23.88 -20.20 -27.87
CA LEU A 562 -22.68 -20.76 -28.47
C LEU A 562 -22.57 -22.27 -28.29
N GLU A 563 -21.90 -22.92 -29.23
CA GLU A 563 -21.59 -24.34 -29.13
C GLU A 563 -20.59 -24.59 -28.01
N GLY A 564 -21.08 -25.12 -26.89
CA GLY A 564 -20.25 -25.37 -25.73
C GLY A 564 -20.41 -24.31 -24.67
N GLY A 565 -21.33 -23.38 -24.89
CA GLY A 565 -21.57 -22.30 -23.96
C GLY A 565 -22.24 -22.76 -22.67
N ALA A 566 -23.18 -23.70 -22.80
CA ALA A 566 -23.87 -24.25 -21.65
C ALA A 566 -22.90 -25.01 -20.74
N GLU A 567 -21.98 -25.73 -21.37
CA GLU A 567 -20.94 -26.46 -20.63
C GLU A 567 -19.96 -25.50 -19.98
N THR A 568 -19.62 -24.43 -20.70
CA THR A 568 -18.69 -23.42 -20.20
C THR A 568 -19.28 -22.64 -19.04
N LYS A 569 -20.54 -22.23 -19.19
CA LYS A 569 -21.23 -21.47 -18.16
C LYS A 569 -21.40 -22.29 -16.89
N LYS A 570 -21.61 -23.60 -17.05
CA LYS A 570 -21.79 -24.49 -15.91
C LYS A 570 -20.50 -24.65 -15.12
N ALA A 571 -19.39 -24.85 -15.82
CA ALA A 571 -18.09 -25.00 -15.18
C ALA A 571 -17.69 -23.71 -14.46
N LEU A 572 -18.09 -22.57 -15.02
CA LEU A 572 -17.78 -21.28 -14.43
C LEU A 572 -18.61 -21.02 -13.18
N GLU A 573 -19.87 -21.45 -13.20
CA GLU A 573 -20.77 -21.25 -12.07
C GLU A 573 -20.33 -22.05 -10.85
N ASP A 574 -19.99 -23.32 -11.07
CA ASP A 574 -19.53 -24.18 -9.98
C ASP A 574 -18.28 -23.61 -9.32
N TYR A 575 -17.33 -23.16 -10.14
CA TYR A 575 -16.09 -22.57 -9.65
C TYR A 575 -16.37 -21.31 -8.84
N LEU A 576 -17.32 -20.51 -9.31
CA LEU A 576 -17.68 -19.27 -8.64
C LEU A 576 -18.46 -19.52 -7.35
N GLN A 577 -19.15 -20.64 -7.29
CA GLN A 577 -19.90 -21.00 -6.09
C GLN A 577 -18.92 -21.40 -4.98
N LYS A 578 -17.75 -21.89 -5.39
CA LYS A 578 -16.73 -22.32 -4.44
C LYS A 578 -15.74 -21.21 -4.11
N TYR A 579 -15.47 -20.32 -5.07
CA TYR A 579 -14.40 -19.35 -4.90
C TYR A 579 -14.73 -17.94 -5.36
N GLY A 580 -15.93 -17.70 -5.91
CA GLY A 580 -16.29 -16.37 -6.37
C GLY A 580 -16.44 -15.37 -5.24
N MSE A 581 -15.88 -15.67 -4.09
CA MSE A 581 -16.03 -14.76 -2.99
C MSE A 581 -14.72 -14.16 -2.65
O MSE A 581 -14.67 -13.23 -1.88
CB MSE A 581 -16.84 -15.36 -1.84
CG MSE A 581 -16.11 -16.31 -0.94
SE MSE A 581 -15.97 -17.97 -1.85
CE MSE A 581 -17.78 -18.52 -1.72
N ARG A 582 -13.66 -14.66 -3.25
CA ARG A 582 -12.34 -14.10 -3.10
C ARG A 582 -12.08 -13.06 -4.17
N CYS A 583 -11.01 -12.29 -3.96
CA CYS A 583 -10.54 -11.28 -4.89
C CYS A 583 -9.30 -10.65 -4.28
N ALA A 584 -8.54 -9.92 -5.09
CA ALA A 584 -7.43 -9.16 -4.56
C ALA A 584 -7.96 -8.16 -3.54
N GLY A 585 -7.37 -8.15 -2.36
CA GLY A 585 -7.81 -7.25 -1.30
C GLY A 585 -9.14 -7.68 -0.70
N GLU A 586 -9.36 -8.99 -0.63
CA GLU A 586 -10.60 -9.56 -0.12
C GLU A 586 -10.91 -9.14 1.32
N ILE A 587 -9.86 -8.85 2.09
CA ILE A 587 -10.04 -8.45 3.48
C ILE A 587 -10.76 -7.11 3.57
N ASP A 588 -10.73 -6.35 2.46
CA ASP A 588 -11.57 -5.17 2.33
C ASP A 588 -12.93 -5.62 1.79
N LEU A 589 -13.94 -5.54 2.65
CA LEU A 589 -15.30 -5.97 2.31
C LEU A 589 -15.85 -5.25 1.08
N THR A 590 -15.39 -4.04 0.84
CA THR A 590 -15.95 -3.20 -0.21
C THR A 590 -15.42 -3.52 -1.61
N LYS A 591 -14.28 -4.21 -1.68
CA LYS A 591 -13.66 -4.51 -2.97
C LYS A 591 -14.48 -5.52 -3.77
N THR A 592 -14.38 -5.43 -5.09
CA THR A 592 -15.21 -6.22 -5.99
C THR A 592 -14.82 -7.70 -6.03
N ARG A 593 -15.78 -8.56 -5.70
CA ARG A 593 -15.57 -10.00 -5.69
C ARG A 593 -15.59 -10.59 -7.11
N TRP A 594 -15.02 -11.78 -7.25
CA TRP A 594 -14.95 -12.45 -8.54
C TRP A 594 -16.32 -12.72 -9.16
N ILE A 595 -17.29 -13.06 -8.33
CA ILE A 595 -18.62 -13.40 -8.81
C ILE A 595 -19.38 -12.15 -9.24
N GLU A 596 -18.91 -10.99 -8.80
CA GLU A 596 -19.50 -9.72 -9.20
C GLU A 596 -18.87 -9.24 -10.52
N ASN A 597 -17.73 -9.84 -10.86
CA ASN A 597 -17.02 -9.49 -12.09
C ASN A 597 -16.21 -10.68 -12.60
N PRO A 598 -16.88 -11.69 -13.17
CA PRO A 598 -16.24 -12.93 -13.61
C PRO A 598 -15.23 -12.70 -14.74
N LEU A 599 -15.36 -11.56 -15.41
CA LEU A 599 -14.51 -11.21 -16.54
C LEU A 599 -13.04 -11.11 -16.14
N THR A 600 -12.79 -10.86 -14.85
CA THR A 600 -11.43 -10.72 -14.35
C THR A 600 -10.70 -12.07 -14.30
N LEU A 601 -11.46 -13.16 -14.45
CA LEU A 601 -10.89 -14.50 -14.45
C LEU A 601 -10.58 -15.01 -15.85
N ILE A 602 -11.14 -14.35 -16.85
CA ILE A 602 -10.99 -14.80 -18.24
C ILE A 602 -9.55 -14.87 -18.76
N PRO A 603 -8.72 -13.84 -18.51
CA PRO A 603 -7.34 -13.95 -19.00
C PRO A 603 -6.58 -15.14 -18.41
N LEU A 604 -6.78 -15.41 -17.13
CA LEU A 604 -6.14 -16.56 -16.48
C LEU A 604 -6.59 -17.85 -17.14
N ILE A 605 -7.89 -17.95 -17.42
CA ILE A 605 -8.46 -19.12 -18.08
C ILE A 605 -7.87 -19.28 -19.48
N LEU A 606 -7.80 -18.19 -20.22
CA LEU A 606 -7.24 -18.20 -21.56
C LEU A 606 -5.77 -18.60 -21.55
N SER A 607 -5.04 -18.12 -20.53
CA SER A 607 -3.64 -18.50 -20.36
C SER A 607 -3.52 -20.00 -20.12
N ASN A 608 -4.37 -20.53 -19.26
CA ASN A 608 -4.36 -21.96 -18.96
C ASN A 608 -4.68 -22.81 -20.18
N ILE A 609 -5.59 -22.32 -21.02
CA ILE A 609 -6.01 -23.04 -22.21
C ILE A 609 -4.84 -23.23 -23.18
N LYS A 610 -3.97 -22.23 -23.28
CA LYS A 610 -2.85 -22.29 -24.22
C LYS A 610 -1.56 -22.82 -23.59
N ASN A 611 -1.45 -22.73 -22.27
CA ASN A 611 -0.21 -23.12 -21.59
C ASN A 611 -0.16 -24.59 -21.19
N PHE A 612 -1.31 -25.23 -21.09
CA PHE A 612 -1.35 -26.62 -20.62
C PHE A 612 -2.16 -27.54 -21.52
N ASP A 613 -2.10 -28.83 -21.20
CA ASP A 613 -2.92 -29.82 -21.87
C ASP A 613 -4.12 -30.20 -21.01
N SER A 614 -4.68 -31.38 -21.24
CA SER A 614 -6.01 -31.71 -20.77
C SER A 614 -6.18 -32.00 -19.27
N SER A 615 -5.08 -32.23 -18.54
CA SER A 615 -5.20 -32.55 -17.12
C SER A 615 -3.99 -32.12 -16.31
N ALA A 616 -3.70 -30.82 -16.34
CA ALA A 616 -2.56 -30.27 -15.62
C ALA A 616 -2.76 -30.35 -14.10
N SER A 617 -3.99 -30.19 -13.64
CA SER A 617 -4.31 -30.22 -12.22
C SER A 617 -3.89 -31.54 -11.58
N MSE A 618 -4.34 -32.65 -12.16
CA MSE A 618 -4.00 -33.98 -11.69
C MSE A 618 -2.49 -34.21 -11.66
O MSE A 618 -1.93 -34.62 -10.65
CB MSE A 618 -4.66 -35.06 -12.56
CG MSE A 618 -5.99 -35.55 -12.04
SE MSE A 618 -6.80 -36.80 -13.31
CE MSE A 618 -5.21 -37.86 -13.71
N HIS A 619 -1.84 -33.93 -12.79
CA HIS A 619 -0.42 -34.19 -12.96
C HIS A 619 0.43 -33.37 -12.00
N LYS A 620 0.08 -32.09 -11.83
CA LYS A 620 0.80 -31.22 -10.90
C LYS A 620 0.66 -31.72 -9.47
N PHE A 621 -0.57 -32.02 -9.07
CA PHE A 621 -0.85 -32.45 -7.70
C PHE A 621 -0.18 -33.79 -7.40
N ALA A 622 -0.31 -34.74 -8.32
CA ALA A 622 0.26 -36.07 -8.13
C ALA A 622 1.78 -36.02 -8.05
N GLN A 623 2.39 -35.16 -8.86
CA GLN A 623 3.83 -35.02 -8.85
C GLN A 623 4.30 -34.45 -7.53
N GLY A 624 3.52 -33.52 -6.98
CA GLY A 624 3.82 -32.95 -5.67
C GLY A 624 3.74 -34.00 -4.58
N GLU A 625 2.72 -34.85 -4.65
CA GLU A 625 2.55 -35.95 -3.71
C GLU A 625 3.73 -36.91 -3.78
N LYS A 626 4.32 -37.02 -4.96
CA LYS A 626 5.44 -37.93 -5.19
C LYS A 626 6.75 -37.34 -4.68
N GLU A 627 6.98 -36.06 -4.97
CA GLU A 627 8.17 -35.36 -4.47
C GLU A 627 8.19 -35.38 -2.95
N ALA A 628 7.03 -35.14 -2.34
CA ALA A 628 6.90 -35.06 -0.90
C ALA A 628 7.20 -36.40 -0.23
N PHE A 629 6.71 -37.48 -0.82
CA PHE A 629 6.91 -38.81 -0.25
C PHE A 629 8.33 -39.30 -0.48
N HIS A 630 8.88 -39.00 -1.64
CA HIS A 630 10.26 -39.37 -1.95
C HIS A 630 11.22 -38.67 -0.99
N LYS A 631 10.90 -37.42 -0.67
CA LYS A 631 11.69 -36.66 0.29
C LYS A 631 11.61 -37.30 1.67
N GLU A 632 10.40 -37.67 2.08
CA GLU A 632 10.17 -38.31 3.36
C GLU A 632 10.98 -39.60 3.51
N GLN A 633 10.93 -40.44 2.47
CA GLN A 633 11.69 -41.68 2.47
C GLN A 633 13.19 -41.42 2.57
N GLU A 634 13.66 -40.43 1.82
CA GLU A 634 15.08 -40.07 1.82
C GLU A 634 15.54 -39.56 3.18
N ILE A 635 14.76 -38.67 3.77
CA ILE A 635 15.08 -38.10 5.07
C ILE A 635 15.14 -39.17 6.15
N LEU A 636 14.10 -40.00 6.23
CA LEU A 636 14.03 -41.05 7.22
C LEU A 636 15.13 -42.09 7.02
N ARG A 637 15.52 -42.30 5.77
CA ARG A 637 16.60 -43.24 5.47
C ARG A 637 17.95 -42.69 5.92
N ARG A 638 18.21 -41.42 5.62
CA ARG A 638 19.46 -40.78 5.99
C ARG A 638 19.57 -40.54 7.49
N LEU A 639 18.43 -40.55 8.18
CA LEU A 639 18.44 -40.34 9.62
C LEU A 639 18.85 -41.60 10.36
N GLN A 640 18.47 -42.76 9.83
CA GLN A 640 18.72 -44.04 10.48
C GLN A 640 20.20 -44.45 10.44
N GLU A 641 21.04 -43.64 9.84
CA GLU A 641 22.48 -43.90 9.84
C GLU A 641 23.20 -42.91 10.76
N LEU A 642 22.42 -42.14 11.50
CA LEU A 642 22.95 -41.27 12.55
C LEU A 642 22.94 -42.01 13.89
N PRO A 643 23.75 -41.53 14.85
CA PRO A 643 23.73 -42.11 16.21
C PRO A 643 22.33 -42.10 16.82
N ASP A 644 21.78 -43.29 17.08
CA ASP A 644 20.40 -43.45 17.53
C ASP A 644 19.46 -42.71 16.60
N GLY A 645 19.58 -42.98 15.30
CA GLY A 645 18.81 -42.28 14.31
C GLY A 645 17.39 -42.80 14.13
N GLU A 646 17.14 -44.01 14.59
CA GLU A 646 15.83 -44.63 14.42
C GLU A 646 14.80 -43.98 15.32
N GLN A 647 15.25 -43.29 16.36
CA GLN A 647 14.36 -42.49 17.19
C GLN A 647 14.12 -41.14 16.54
N LYS A 648 15.19 -40.56 16.00
CA LYS A 648 15.10 -39.31 15.25
C LYS A 648 14.16 -39.48 14.07
N ALA A 649 14.31 -40.59 13.36
CA ALA A 649 13.45 -40.90 12.22
C ALA A 649 12.02 -41.12 12.68
N MSE A 650 11.85 -41.74 13.85
CA MSE A 650 10.52 -42.02 14.38
C MSE A 650 9.78 -40.74 14.74
O MSE A 650 8.59 -40.61 14.45
CB MSE A 650 10.63 -42.94 15.61
CG MSE A 650 9.38 -43.77 15.87
SE MSE A 650 9.62 -45.06 17.30
CE MSE A 650 11.24 -45.94 16.65
N GLU A 651 10.48 -39.81 15.36
CA GLU A 651 9.87 -38.54 15.74
C GLU A 651 9.70 -37.64 14.52
N THR A 652 10.59 -37.76 13.55
CA THR A 652 10.49 -37.00 12.31
C THR A 652 9.26 -37.45 11.52
N LYS A 653 9.04 -38.77 11.49
CA LYS A 653 7.87 -39.33 10.81
C LYS A 653 6.57 -38.82 11.41
N GLU A 654 6.53 -38.70 12.73
CA GLU A 654 5.36 -38.19 13.42
C GLU A 654 5.10 -36.73 13.03
N LYS A 655 6.16 -35.92 13.04
CA LYS A 655 6.04 -34.50 12.72
C LYS A 655 5.68 -34.28 11.25
N ILE A 656 6.17 -35.16 10.37
CA ILE A 656 5.82 -35.08 8.96
C ILE A 656 4.33 -35.36 8.77
N ASP A 657 3.83 -36.38 9.46
CA ASP A 657 2.40 -36.73 9.39
C ASP A 657 1.52 -35.60 9.91
N ILE A 658 1.97 -34.92 10.96
CA ILE A 658 1.24 -33.78 11.50
C ILE A 658 1.26 -32.62 10.50
N LEU A 659 2.41 -32.40 9.90
CA LEU A 659 2.59 -31.33 8.92
C LEU A 659 1.58 -31.42 7.78
N ARG A 660 1.55 -32.57 7.10
CA ARG A 660 0.71 -32.72 5.92
C ARG A 660 -0.79 -32.79 6.28
N HIS A 661 -1.07 -33.05 7.55
CA HIS A 661 -2.46 -33.18 8.00
C HIS A 661 -3.08 -31.84 8.38
N PHE A 662 -2.24 -30.88 8.77
CA PHE A 662 -2.73 -29.63 9.34
C PHE A 662 -2.34 -28.37 8.56
N ILE A 663 -1.25 -28.43 7.80
CA ILE A 663 -0.72 -27.24 7.14
C ILE A 663 -1.71 -26.66 6.12
N GLY A 664 -2.58 -27.52 5.59
CA GLY A 664 -3.56 -27.10 4.61
C GLY A 664 -4.71 -26.32 5.22
N TYR A 665 -5.03 -26.64 6.47
CA TYR A 665 -6.12 -25.95 7.18
C TYR A 665 -5.78 -24.50 7.46
N ARG A 666 -4.48 -24.19 7.48
CA ARG A 666 -3.98 -22.84 7.74
C ARG A 666 -4.67 -21.78 6.87
N GLU A 667 -5.02 -22.16 5.64
CA GLU A 667 -5.62 -21.22 4.70
C GLU A 667 -7.14 -21.09 4.85
N TYR A 668 -7.74 -21.94 5.69
CA TYR A 668 -9.20 -22.01 5.75
C TYR A 668 -9.93 -20.97 6.61
N PRO A 669 -9.37 -20.59 7.78
CA PRO A 669 -10.07 -19.55 8.55
C PRO A 669 -10.36 -18.27 7.78
N LYS A 670 -9.40 -17.80 6.97
CA LYS A 670 -9.63 -16.61 6.17
C LYS A 670 -10.75 -16.84 5.16
N TYR A 671 -10.79 -18.04 4.58
CA TYR A 671 -11.83 -18.42 3.64
C TYR A 671 -13.22 -18.29 4.28
N GLY A 672 -13.36 -18.86 5.47
CA GLY A 672 -14.62 -18.78 6.21
C GLY A 672 -14.97 -17.35 6.59
N MSE A 673 -13.96 -16.57 6.94
CA MSE A 673 -14.14 -15.16 7.26
C MSE A 673 -14.58 -14.36 6.03
O MSE A 673 -15.49 -13.55 6.09
CB MSE A 673 -12.85 -14.59 7.85
CG MSE A 673 -12.72 -13.08 7.75
SE MSE A 673 -11.05 -12.46 8.54
CE MSE A 673 -10.75 -10.87 7.43
N ILE A 674 -13.90 -14.62 4.91
CA ILE A 674 -14.22 -13.96 3.64
C ILE A 674 -15.63 -14.34 3.18
N ASN A 675 -16.07 -15.52 3.52
CA ASN A 675 -17.42 -15.92 3.20
C ASN A 675 -18.46 -15.09 3.90
N ARG A 676 -18.25 -14.77 5.16
CA ARG A 676 -19.17 -13.91 5.89
C ARG A 676 -19.11 -12.48 5.38
N TYR A 677 -17.90 -12.01 5.07
CA TYR A 677 -17.70 -10.65 4.59
C TYR A 677 -18.52 -10.37 3.33
N PHE A 678 -18.53 -11.33 2.40
CA PHE A 678 -19.26 -11.16 1.16
C PHE A 678 -20.77 -11.15 1.40
N ILE A 679 -21.22 -12.00 2.31
CA ILE A 679 -22.62 -12.05 2.69
C ILE A 679 -23.02 -10.73 3.32
N TYR A 680 -22.14 -10.19 4.15
CA TYR A 680 -22.33 -8.87 4.74
C TYR A 680 -22.44 -7.80 3.65
N LYS A 681 -21.57 -7.89 2.66
CA LYS A 681 -21.50 -6.89 1.59
C LYS A 681 -22.81 -6.80 0.81
N LEU A 682 -23.32 -7.95 0.37
CA LEU A 682 -24.54 -8.00 -0.42
C LEU A 682 -25.72 -7.38 0.35
N ALA A 683 -25.76 -7.64 1.65
CA ALA A 683 -26.81 -7.09 2.50
C ALA A 683 -26.67 -5.57 2.63
N LEU A 684 -25.44 -5.12 2.86
CA LEU A 684 -25.16 -3.69 3.01
C LEU A 684 -25.44 -2.95 1.72
N LEU A 685 -25.21 -3.61 0.59
CA LEU A 685 -25.49 -3.01 -0.72
C LEU A 685 -26.99 -2.81 -0.92
N ARG A 686 -27.78 -3.76 -0.42
CA ARG A 686 -29.23 -3.66 -0.50
C ARG A 686 -29.74 -2.50 0.34
N ALA A 687 -29.07 -2.26 1.47
CA ALA A 687 -29.41 -1.13 2.32
C ALA A 687 -28.99 0.18 1.66
N GLY A 688 -27.88 0.13 0.92
CA GLY A 688 -27.39 1.29 0.20
C GLY A 688 -28.33 1.72 -0.89
N GLU A 689 -28.86 0.74 -1.62
CA GLU A 689 -29.83 1.01 -2.69
C GLU A 689 -31.11 1.59 -2.09
N GLN A 690 -31.51 1.07 -0.93
CA GLN A 690 -32.70 1.55 -0.24
C GLN A 690 -32.53 3.00 0.19
N LEU A 691 -31.30 3.36 0.58
CA LEU A 691 -30.99 4.72 0.96
C LEU A 691 -31.02 5.66 -0.24
N VAL A 692 -30.70 5.12 -1.41
CA VAL A 692 -30.77 5.89 -2.65
C VAL A 692 -32.21 6.15 -3.04
N LYS A 693 -33.04 5.12 -2.95
CA LYS A 693 -34.46 5.23 -3.23
C LYS A 693 -35.12 6.26 -2.31
N ASP A 694 -34.58 6.39 -1.11
CA ASP A 694 -35.10 7.34 -0.13
C ASP A 694 -34.55 8.74 -0.36
N GLY A 695 -33.72 8.89 -1.39
CA GLY A 695 -33.14 10.18 -1.73
C GLY A 695 -32.14 10.65 -0.70
N ILE A 696 -31.62 9.71 0.09
CA ILE A 696 -30.66 10.02 1.14
C ILE A 696 -29.23 9.90 0.61
N LEU A 697 -28.99 8.88 -0.21
CA LEU A 697 -27.70 8.73 -0.88
C LEU A 697 -27.83 9.03 -2.37
N GLN A 698 -26.73 9.40 -2.99
CA GLN A 698 -26.72 9.70 -4.42
C GLN A 698 -26.39 8.45 -5.23
N GLU A 699 -25.39 7.71 -4.78
CA GLU A 699 -25.07 6.41 -5.35
C GLU A 699 -24.93 5.43 -4.19
N HIS A 700 -25.40 4.20 -4.36
CA HIS A 700 -25.47 3.24 -3.27
C HIS A 700 -24.10 2.76 -2.79
N GLU A 701 -23.06 3.01 -3.59
CA GLU A 701 -21.71 2.60 -3.21
C GLU A 701 -21.02 3.65 -2.36
N ASP A 702 -21.71 4.75 -2.08
CA ASP A 702 -21.17 5.81 -1.25
C ASP A 702 -21.06 5.37 0.21
N ILE A 703 -21.68 4.23 0.53
CA ILE A 703 -21.61 3.67 1.88
C ILE A 703 -20.18 3.20 2.20
N TYR A 704 -19.38 2.99 1.15
CA TYR A 704 -18.03 2.50 1.31
C TYR A 704 -17.14 3.48 2.07
N PHE A 705 -17.49 4.76 2.00
CA PHE A 705 -16.68 5.80 2.60
C PHE A 705 -17.20 6.22 3.96
N LEU A 706 -18.10 5.40 4.50
CA LEU A 706 -18.56 5.56 5.87
C LEU A 706 -18.14 4.36 6.70
N TYR A 707 -17.70 4.60 7.93
CA TYR A 707 -17.42 3.49 8.84
C TYR A 707 -18.75 2.90 9.29
N PHE A 708 -18.71 1.66 9.78
CA PHE A 708 -19.93 0.91 10.11
C PHE A 708 -20.88 1.68 11.02
N GLU A 709 -20.36 2.20 12.13
CA GLU A 709 -21.18 2.93 13.09
C GLU A 709 -21.77 4.20 12.48
N GLU A 710 -21.00 4.86 11.62
CA GLU A 710 -21.47 6.05 10.93
C GLU A 710 -22.60 5.69 9.96
N LEU A 711 -22.40 4.62 9.21
CA LEU A 711 -23.40 4.13 8.27
C LEU A 711 -24.66 3.69 9.00
N ARG A 712 -24.47 3.02 10.14
CA ARG A 712 -25.57 2.53 10.96
C ARG A 712 -26.46 3.68 11.42
N GLU A 713 -25.86 4.82 11.73
CA GLU A 713 -26.59 5.99 12.17
C GLU A 713 -27.36 6.63 11.02
N VAL A 714 -26.78 6.58 9.82
CA VAL A 714 -27.43 7.13 8.63
C VAL A 714 -28.75 6.41 8.36
N VAL A 715 -28.72 5.08 8.42
CA VAL A 715 -29.93 4.28 8.22
C VAL A 715 -30.96 4.59 9.30
N ARG A 716 -30.50 4.79 10.53
CA ARG A 716 -31.38 5.05 11.65
C ARG A 716 -32.00 6.44 11.59
N THR A 717 -31.17 7.46 11.34
CA THR A 717 -31.62 8.84 11.40
C THR A 717 -32.09 9.37 10.05
N GLY A 718 -31.53 8.83 8.97
CA GLY A 718 -31.90 9.25 7.64
C GLY A 718 -31.15 10.46 7.15
N GLN A 719 -30.05 10.79 7.82
CA GLN A 719 -29.26 11.97 7.46
C GLN A 719 -27.77 11.68 7.31
N VAL A 720 -27.18 12.23 6.26
CA VAL A 720 -25.75 12.07 6.00
C VAL A 720 -25.07 13.43 5.91
N ASP A 721 -23.75 13.44 6.10
CA ASP A 721 -22.93 14.61 5.79
C ASP A 721 -22.08 14.29 4.57
N TYR A 722 -22.52 14.75 3.41
CA TYR A 722 -21.80 14.49 2.18
C TYR A 722 -20.46 15.15 2.08
N GLU A 723 -20.28 16.23 2.77
CA GLU A 723 -18.98 16.89 2.77
C GLU A 723 -17.98 16.06 3.55
N LEU A 724 -18.49 15.12 4.34
CA LEU A 724 -17.63 14.13 4.99
C LEU A 724 -17.31 13.01 4.02
N ILE A 725 -18.35 12.52 3.33
CA ILE A 725 -18.17 11.49 2.31
C ILE A 725 -17.23 11.96 1.21
N ASN A 726 -17.45 13.18 0.73
CA ASN A 726 -16.58 13.75 -0.30
C ASN A 726 -15.16 13.95 0.21
N ALA A 727 -15.03 14.25 1.50
CA ALA A 727 -13.72 14.35 2.13
C ALA A 727 -13.04 13.00 2.19
N ARG A 728 -13.83 11.97 2.51
CA ARG A 728 -13.33 10.60 2.55
C ARG A 728 -12.84 10.14 1.18
N LYS A 729 -13.59 10.51 0.14
CA LYS A 729 -13.23 10.14 -1.22
C LYS A 729 -11.90 10.78 -1.63
N ARG A 730 -11.72 12.05 -1.28
CA ARG A 730 -10.46 12.74 -1.53
C ARG A 730 -9.33 12.07 -0.74
N ASP A 731 -9.61 11.74 0.51
CA ASP A 731 -8.65 11.08 1.38
C ASP A 731 -8.18 9.75 0.80
N PHE A 732 -9.13 8.92 0.38
CA PHE A 732 -8.83 7.60 -0.16
C PHE A 732 -7.98 7.70 -1.43
N ALA A 733 -8.20 8.76 -2.20
CA ALA A 733 -7.44 8.97 -3.43
C ALA A 733 -5.97 9.24 -3.13
N THR A 734 -5.71 10.05 -2.11
CA THR A 734 -4.34 10.33 -1.70
C THR A 734 -3.71 9.10 -1.06
N PHE A 735 -4.54 8.27 -0.44
CA PHE A 735 -4.05 7.08 0.25
C PHE A 735 -3.54 6.02 -0.73
N GLU A 736 -4.13 6.00 -1.92
CA GLU A 736 -3.70 5.07 -2.96
C GLU A 736 -2.30 5.41 -3.45
N LYS A 737 -1.94 6.68 -3.35
CA LYS A 737 -0.62 7.16 -3.78
C LYS A 737 0.44 6.89 -2.72
N LEU A 738 0.01 6.44 -1.55
CA LEU A 738 0.92 6.15 -0.46
C LEU A 738 1.36 4.69 -0.47
N THR A 739 2.37 4.39 0.35
CA THR A 739 2.82 3.02 0.56
C THR A 739 3.09 2.82 2.04
N PRO A 740 2.42 1.83 2.66
CA PRO A 740 2.58 1.60 4.09
C PRO A 740 3.99 1.17 4.47
N PRO A 741 4.58 1.82 5.48
CA PRO A 741 5.87 1.35 5.97
C PRO A 741 5.69 0.10 6.80
N ARG A 742 6.74 -0.71 6.92
CA ARG A 742 6.68 -1.90 7.75
C ARG A 742 6.50 -1.51 9.21
N ILE A 743 7.13 -0.41 9.60
CA ILE A 743 7.02 0.13 10.95
C ILE A 743 6.66 1.61 10.91
N LEU A 744 5.62 1.98 11.65
CA LEU A 744 5.21 3.37 11.77
C LEU A 744 5.23 3.81 13.22
N THR A 745 5.82 4.99 13.48
CA THR A 745 5.91 5.50 14.84
C THR A 745 4.96 6.67 15.06
N SER A 746 4.77 7.04 16.32
CA SER A 746 3.88 8.14 16.68
C SER A 746 4.37 9.49 16.16
N ASP A 747 5.66 9.55 15.82
CA ASP A 747 6.23 10.75 15.23
C ASP A 747 6.18 10.66 13.71
N GLY A 748 5.46 9.66 13.22
CA GLY A 748 5.24 9.50 11.79
C GLY A 748 6.43 8.94 11.04
N GLU A 749 7.43 8.48 11.77
CA GLU A 749 8.64 7.96 11.13
C GLU A 749 8.38 6.61 10.47
N MSE A 750 8.74 6.51 9.20
CA MSE A 750 8.58 5.28 8.45
C MSE A 750 9.87 4.45 8.49
O MSE A 750 10.91 4.89 8.00
CB MSE A 750 8.20 5.57 7.01
CG MSE A 750 6.96 6.44 6.85
SE MSE A 750 6.26 6.40 5.04
CE MSE A 750 6.08 8.32 4.74
N ILE A 751 9.80 3.27 9.11
CA ILE A 751 10.97 2.42 9.24
C ILE A 751 10.78 1.08 8.56
N ASN A 752 11.59 0.83 7.53
CA ASN A 752 11.66 -0.49 6.93
C ASN A 752 12.98 -1.14 7.32
N GLY A 753 12.93 -2.41 7.71
CA GLY A 753 14.12 -3.10 8.15
C GLY A 753 15.16 -3.26 7.05
N GLU A 754 16.34 -3.71 7.44
CA GLU A 754 17.41 -3.99 6.48
C GLU A 754 17.94 -5.40 6.67
N TYR A 755 18.04 -6.15 5.57
CA TYR A 755 18.58 -7.50 5.63
C TYR A 755 20.08 -7.49 5.91
N LYS A 756 20.54 -8.46 6.68
CA LYS A 756 21.96 -8.58 6.99
C LYS A 756 22.66 -9.46 5.96
N ARG A 757 23.37 -8.82 5.04
CA ARG A 757 24.04 -9.53 3.96
C ARG A 757 25.34 -10.18 4.42
N GLU A 758 25.35 -11.51 4.41
CA GLU A 758 26.52 -12.28 4.78
C GLU A 758 26.80 -13.34 3.72
N ASN A 759 27.84 -13.10 2.93
CA ASN A 759 28.35 -14.05 1.93
C ASN A 759 27.42 -14.22 0.72
N LEU A 760 26.26 -13.58 0.78
CA LEU A 760 25.34 -13.56 -0.36
C LEU A 760 25.91 -12.65 -1.44
N PRO A 761 25.68 -12.99 -2.72
CA PRO A 761 26.27 -12.29 -3.87
C PRO A 761 26.24 -10.77 -3.79
N LYS A 762 27.24 -10.14 -4.40
CA LYS A 762 27.50 -8.71 -4.27
C LYS A 762 26.31 -7.82 -4.62
N ASP A 763 25.87 -7.88 -5.88
CA ASP A 763 24.81 -7.01 -6.36
C ASP A 763 23.45 -7.69 -6.30
N ALA A 764 23.40 -8.81 -5.58
CA ALA A 764 22.14 -9.55 -5.42
C ALA A 764 21.14 -8.74 -4.61
N ILE A 765 19.86 -8.97 -4.87
CA ILE A 765 18.78 -8.29 -4.16
C ILE A 765 18.22 -9.19 -3.07
N LEU A 766 18.44 -8.79 -1.82
CA LEU A 766 18.09 -9.64 -0.68
C LEU A 766 16.60 -9.68 -0.40
N GLY A 767 16.14 -10.82 0.09
CA GLY A 767 14.76 -11.01 0.47
C GLY A 767 14.63 -12.14 1.48
N LEU A 768 13.40 -12.57 1.73
CA LEU A 768 13.16 -13.65 2.68
C LEU A 768 12.79 -14.95 1.95
N PRO A 769 13.65 -15.97 2.07
CA PRO A 769 13.39 -17.27 1.43
C PRO A 769 12.25 -18.02 2.12
N VAL A 770 11.21 -18.33 1.36
CA VAL A 770 10.03 -18.98 1.93
C VAL A 770 9.70 -20.29 1.22
N SER A 771 10.32 -20.51 0.07
CA SER A 771 10.12 -21.74 -0.68
C SER A 771 11.39 -22.10 -1.44
N SER A 772 12.02 -23.20 -1.03
CA SER A 772 13.35 -23.57 -1.50
C SER A 772 13.41 -23.79 -3.01
N GLY A 773 14.60 -23.59 -3.57
CA GLY A 773 14.82 -23.79 -4.99
C GLY A 773 15.51 -22.61 -5.65
N THR A 774 16.17 -22.89 -6.78
CA THR A 774 16.83 -21.85 -7.55
C THR A 774 16.40 -21.95 -9.01
N VAL A 775 15.92 -20.84 -9.56
CA VAL A 775 15.44 -20.84 -10.94
C VAL A 775 15.89 -19.60 -11.71
N GLU A 776 16.03 -19.76 -13.03
CA GLU A 776 16.25 -18.62 -13.92
C GLU A 776 15.06 -18.52 -14.86
N GLY A 777 14.62 -17.28 -15.13
CA GLY A 777 13.49 -17.07 -16.01
C GLY A 777 13.24 -15.61 -16.32
N ARG A 778 12.27 -15.37 -17.20
CA ARG A 778 11.91 -14.01 -17.56
C ARG A 778 11.09 -13.35 -16.47
N ALA A 779 11.60 -12.26 -15.93
CA ALA A 779 10.89 -11.52 -14.88
C ALA A 779 9.64 -10.86 -15.44
N ARG A 780 8.52 -11.06 -14.75
CA ARG A 780 7.27 -10.43 -15.15
C ARG A 780 6.74 -9.54 -14.03
N VAL A 781 6.93 -8.23 -14.19
CA VAL A 781 6.46 -7.27 -13.20
C VAL A 781 5.01 -6.89 -13.47
N ILE A 782 4.13 -7.36 -12.60
CA ILE A 782 2.69 -7.25 -12.81
C ILE A 782 1.99 -6.76 -11.55
N LEU A 783 1.14 -5.74 -11.68
CA LEU A 783 0.41 -5.22 -10.53
C LEU A 783 -1.05 -5.66 -10.54
N GLU A 784 -1.59 -5.89 -11.74
CA GLU A 784 -2.96 -6.38 -11.88
C GLU A 784 -2.97 -7.78 -12.50
N MSE A 785 -3.57 -8.73 -11.79
CA MSE A 785 -3.56 -10.12 -12.21
C MSE A 785 -4.25 -10.36 -13.55
O MSE A 785 -3.87 -11.25 -14.31
CB MSE A 785 -4.21 -10.99 -11.13
CG MSE A 785 -4.09 -12.48 -11.38
SE MSE A 785 -4.92 -13.51 -9.94
CE MSE A 785 -4.68 -15.29 -10.67
N GLU A 786 -5.28 -9.57 -13.85
CA GLU A 786 -6.03 -9.75 -15.09
C GLU A 786 -5.26 -9.24 -16.30
N LYS A 787 -4.14 -8.56 -16.05
CA LYS A 787 -3.27 -8.12 -17.14
C LYS A 787 -2.00 -8.97 -17.19
N ALA A 788 -1.99 -10.06 -16.45
CA ALA A 788 -0.87 -10.98 -16.43
C ALA A 788 -0.93 -11.95 -17.61
N ASP A 789 -0.03 -11.75 -18.58
CA ASP A 789 0.06 -12.63 -19.73
C ASP A 789 1.11 -13.71 -19.48
N LEU A 790 0.93 -14.45 -18.39
CA LEU A 790 1.93 -15.39 -17.92
C LEU A 790 2.06 -16.64 -18.78
N GLU A 791 3.30 -17.07 -18.99
CA GLU A 791 3.58 -18.29 -19.73
C GLU A 791 4.78 -19.04 -19.13
N ASP A 792 5.11 -20.18 -19.74
CA ASP A 792 6.16 -21.06 -19.22
C ASP A 792 7.51 -20.35 -19.09
N GLY A 793 8.13 -20.48 -17.93
CA GLY A 793 9.44 -19.91 -17.69
C GLY A 793 9.42 -18.56 -17.00
N ASP A 794 8.23 -17.97 -16.89
CA ASP A 794 8.09 -16.66 -16.28
C ASP A 794 8.30 -16.68 -14.77
N ILE A 795 8.84 -15.59 -14.25
CA ILE A 795 8.96 -15.40 -12.81
C ILE A 795 8.12 -14.20 -12.40
N LEU A 796 7.07 -14.46 -11.63
CA LEU A 796 6.14 -13.42 -11.23
C LEU A 796 6.74 -12.47 -10.18
N VAL A 797 6.87 -11.20 -10.56
CA VAL A 797 7.30 -10.17 -9.62
C VAL A 797 6.16 -9.19 -9.40
N THR A 798 5.66 -9.13 -8.17
CA THR A 798 4.53 -8.27 -7.86
C THR A 798 4.62 -7.71 -6.45
N ALA A 799 3.74 -6.78 -6.12
CA ALA A 799 3.74 -6.16 -4.80
C ALA A 799 3.33 -7.16 -3.72
N TYR A 800 2.26 -7.90 -3.99
CA TYR A 800 1.76 -8.88 -3.04
C TYR A 800 1.00 -10.02 -3.71
N THR A 801 0.96 -11.17 -3.07
CA THR A 801 0.15 -12.30 -3.52
C THR A 801 -0.74 -12.81 -2.41
N ASP A 802 -1.93 -12.22 -2.27
CA ASP A 802 -2.93 -12.71 -1.33
C ASP A 802 -3.57 -13.96 -1.94
N PRO A 803 -4.47 -14.66 -1.21
CA PRO A 803 -5.01 -15.92 -1.76
C PRO A 803 -5.53 -15.88 -3.19
N SER A 804 -6.10 -14.76 -3.61
CA SER A 804 -6.70 -14.67 -4.94
C SER A 804 -5.68 -14.72 -6.08
N TRP A 805 -4.40 -14.54 -5.74
CA TRP A 805 -3.35 -14.53 -6.74
C TRP A 805 -2.91 -15.94 -7.15
N THR A 806 -3.36 -16.93 -6.39
CA THR A 806 -2.96 -18.32 -6.55
C THR A 806 -3.13 -18.92 -7.97
N PRO A 807 -4.24 -18.60 -8.67
CA PRO A 807 -4.34 -19.18 -10.02
C PRO A 807 -3.22 -18.75 -10.97
N ALA A 808 -2.48 -17.69 -10.63
CA ALA A 808 -1.38 -17.22 -11.46
C ALA A 808 -0.09 -17.98 -11.15
N PHE A 809 -0.14 -18.87 -10.17
CA PHE A 809 1.04 -19.61 -9.74
C PHE A 809 1.26 -20.86 -10.59
N VAL A 810 0.20 -21.31 -11.25
CA VAL A 810 0.20 -22.60 -11.93
C VAL A 810 1.13 -22.67 -13.14
N SER A 811 1.54 -21.51 -13.66
CA SER A 811 2.33 -21.48 -14.88
CA SER A 811 2.33 -21.47 -14.89
C SER A 811 3.74 -20.94 -14.65
N ILE A 812 3.91 -20.14 -13.60
CA ILE A 812 5.20 -19.50 -13.34
C ILE A 812 6.22 -20.46 -12.75
N LYS A 813 7.48 -20.04 -12.78
CA LYS A 813 8.57 -20.88 -12.31
CA LYS A 813 8.62 -20.84 -12.36
C LYS A 813 9.23 -20.32 -11.06
N GLY A 814 8.76 -19.15 -10.64
CA GLY A 814 9.26 -18.51 -9.42
C GLY A 814 8.37 -17.35 -9.02
N LEU A 815 8.50 -16.93 -7.76
CA LEU A 815 7.68 -15.84 -7.25
C LEU A 815 8.49 -14.84 -6.42
N VAL A 816 8.31 -13.56 -6.71
CA VAL A 816 8.95 -12.50 -5.96
C VAL A 816 7.93 -11.44 -5.53
N THR A 817 7.87 -11.16 -4.23
CA THR A 817 6.97 -10.14 -3.72
C THR A 817 7.70 -9.12 -2.85
N GLU A 818 7.07 -7.97 -2.63
CA GLU A 818 7.68 -6.90 -1.88
C GLU A 818 7.39 -7.00 -0.38
N VAL A 819 6.27 -7.63 -0.05
CA VAL A 819 5.91 -7.86 1.35
C VAL A 819 5.67 -9.35 1.59
N GLY A 820 5.05 -9.67 2.73
CA GLY A 820 4.80 -11.04 3.09
C GLY A 820 5.76 -11.54 4.14
N GLY A 821 5.61 -12.81 4.52
CA GLY A 821 6.45 -13.40 5.54
C GLY A 821 6.52 -14.91 5.40
N LEU A 822 7.05 -15.57 6.42
CA LEU A 822 7.27 -17.00 6.37
C LEU A 822 5.98 -17.82 6.30
N MSE A 823 4.98 -17.43 7.09
CA MSE A 823 3.73 -18.18 7.16
C MSE A 823 2.52 -17.40 6.67
O MSE A 823 1.38 -17.76 6.95
CB MSE A 823 3.48 -18.66 8.59
CG MSE A 823 4.45 -19.74 9.06
SE MSE A 823 4.37 -21.36 7.99
CE MSE A 823 2.44 -21.62 7.94
N THR A 824 2.77 -16.33 5.92
CA THR A 824 1.68 -15.53 5.38
C THR A 824 1.09 -16.16 4.13
N HIS A 825 0.08 -15.53 3.56
CA HIS A 825 -0.51 -15.99 2.30
C HIS A 825 0.53 -15.98 1.19
N GLY A 826 0.24 -16.68 0.10
CA GLY A 826 1.16 -16.75 -1.01
C GLY A 826 2.36 -17.64 -0.76
N ALA A 827 3.13 -17.31 0.28
CA ALA A 827 4.32 -18.09 0.64
C ALA A 827 3.96 -19.53 0.96
N VAL A 828 2.84 -19.73 1.66
CA VAL A 828 2.40 -21.07 2.03
C VAL A 828 1.91 -21.86 0.82
N ILE A 829 1.48 -21.15 -0.22
CA ILE A 829 1.00 -21.79 -1.43
C ILE A 829 2.17 -22.11 -2.36
N ALA A 830 3.21 -21.29 -2.28
CA ALA A 830 4.42 -21.51 -3.07
C ALA A 830 5.06 -22.86 -2.74
N ARG A 831 5.08 -23.18 -1.45
CA ARG A 831 5.67 -24.45 -1.00
C ARG A 831 4.91 -25.66 -1.53
N GLU A 832 3.58 -25.60 -1.45
CA GLU A 832 2.74 -26.72 -1.85
C GLU A 832 2.74 -26.90 -3.37
N TYR A 833 3.04 -25.82 -4.09
CA TYR A 833 3.16 -25.88 -5.55
C TYR A 833 4.58 -26.20 -5.99
N GLY A 834 5.48 -26.34 -5.02
CA GLY A 834 6.89 -26.61 -5.31
C GLY A 834 7.52 -25.44 -6.03
N LEU A 835 7.01 -24.25 -5.76
CA LEU A 835 7.42 -23.04 -6.46
C LEU A 835 8.40 -22.22 -5.63
N PRO A 836 9.64 -22.05 -6.14
CA PRO A 836 10.63 -21.22 -5.44
C PRO A 836 10.13 -19.79 -5.27
N ALA A 837 10.33 -19.21 -4.09
CA ALA A 837 9.77 -17.90 -3.81
C ALA A 837 10.61 -17.09 -2.83
N VAL A 838 10.72 -15.79 -3.11
CA VAL A 838 11.40 -14.86 -2.22
C VAL A 838 10.50 -13.66 -1.95
N VAL A 839 10.13 -13.46 -0.68
CA VAL A 839 9.25 -12.37 -0.30
C VAL A 839 10.01 -11.27 0.45
N GLY A 840 9.31 -10.18 0.74
CA GLY A 840 9.89 -9.09 1.51
C GLY A 840 11.00 -8.37 0.79
N VAL A 841 10.90 -8.27 -0.52
CA VAL A 841 11.91 -7.62 -1.34
C VAL A 841 11.54 -6.15 -1.58
N GLU A 842 12.27 -5.25 -0.91
CA GLU A 842 11.98 -3.82 -0.99
C GLU A 842 12.09 -3.28 -2.42
N ASN A 843 11.01 -2.66 -2.89
CA ASN A 843 10.98 -2.01 -4.21
C ASN A 843 11.25 -2.98 -5.35
N ALA A 844 10.81 -4.23 -5.21
CA ALA A 844 11.07 -5.26 -6.21
C ALA A 844 10.46 -4.92 -7.57
N THR A 845 9.26 -4.35 -7.55
CA THR A 845 8.56 -4.00 -8.79
C THR A 845 9.13 -2.76 -9.44
N THR A 846 10.08 -2.11 -8.77
CA THR A 846 10.74 -0.92 -9.30
C THR A 846 12.16 -1.26 -9.75
N ILE A 847 12.88 -2.01 -8.92
CA ILE A 847 14.25 -2.40 -9.21
C ILE A 847 14.30 -3.40 -10.38
N ILE A 848 13.43 -4.40 -10.33
CA ILE A 848 13.40 -5.42 -11.38
C ILE A 848 12.56 -4.95 -12.56
N LYS A 849 13.19 -4.87 -13.72
CA LYS A 849 12.50 -4.45 -14.94
C LYS A 849 11.80 -5.62 -15.62
N ASP A 850 10.57 -5.39 -16.04
CA ASP A 850 9.77 -6.42 -16.74
C ASP A 850 10.46 -6.88 -18.02
N GLY A 851 10.63 -8.18 -18.16
CA GLY A 851 11.26 -8.75 -19.34
C GLY A 851 12.69 -9.19 -19.10
N GLN A 852 13.27 -8.71 -18.01
CA GLN A 852 14.64 -9.09 -17.66
C GLN A 852 14.75 -10.56 -17.26
N GLN A 853 15.88 -11.17 -17.61
CA GLN A 853 16.20 -12.50 -17.10
C GLN A 853 16.76 -12.36 -15.70
N ILE A 854 16.11 -13.01 -14.73
CA ILE A 854 16.59 -12.98 -13.36
C ILE A 854 16.74 -14.38 -12.80
N ARG A 855 17.60 -14.51 -11.78
CA ARG A 855 17.70 -15.76 -11.04
C ARG A 855 17.33 -15.50 -9.59
N ILE A 856 16.39 -16.27 -9.07
CA ILE A 856 16.02 -16.15 -7.66
C ILE A 856 16.43 -17.41 -6.91
N ASN A 857 16.77 -17.23 -5.63
CA ASN A 857 17.18 -18.34 -4.78
C ASN A 857 16.25 -18.42 -3.58
N GLY A 858 15.27 -19.32 -3.67
CA GLY A 858 14.26 -19.43 -2.62
C GLY A 858 14.72 -20.14 -1.38
N THR A 859 16.00 -20.49 -1.33
CA THR A 859 16.57 -21.15 -0.16
C THR A 859 17.41 -20.18 0.65
N GLU A 860 18.22 -19.38 -0.05
CA GLU A 860 19.06 -18.38 0.60
C GLU A 860 18.39 -17.02 0.64
N GLY A 861 17.43 -16.82 -0.26
CA GLY A 861 16.65 -15.59 -0.28
C GLY A 861 17.33 -14.42 -0.95
N TYR A 862 17.61 -14.55 -2.25
CA TYR A 862 18.15 -13.42 -3.01
C TYR A 862 17.78 -13.51 -4.49
N ILE A 863 18.02 -12.42 -5.21
CA ILE A 863 17.72 -12.32 -6.63
C ILE A 863 18.91 -11.76 -7.40
N GLU A 864 19.18 -12.33 -8.56
CA GLU A 864 20.27 -11.84 -9.39
C GLU A 864 19.78 -11.41 -10.78
N ILE A 865 20.04 -10.16 -11.14
CA ILE A 865 19.75 -9.68 -12.48
C ILE A 865 20.80 -10.21 -13.44
N LEU A 866 20.36 -10.88 -14.50
CA LEU A 866 21.29 -11.54 -15.40
C LEU A 866 21.63 -10.70 -16.63
N ASP A 867 20.65 -9.92 -17.11
CA ASP A 867 20.89 -8.99 -18.21
C ASP A 867 19.83 -7.90 -18.27
CBC 5WQ B . -4.43 -12.39 18.23
CBA 5WQ B . -3.63 -13.42 18.99
NCE 5WQ B . -4.43 -14.29 19.63
CAK 5WQ B . -3.74 -15.14 20.27
CBB 5WQ B . -5.25 -14.93 18.75
CBD 5WQ B . -6.11 -13.94 17.97
NCF 5WQ B . -5.41 -12.92 17.42
NBE 5WQ B . -4.99 -13.21 16.27
CAW 5WQ B . -5.67 -12.39 15.30
CBO 5WQ B . -4.66 -11.36 14.57
CAX 5WQ B . -3.52 -10.87 15.28
CBU 5WQ B . -2.59 -9.93 14.63
CBT 5WQ B . -1.45 -9.44 15.37
CBM 5WQ B . -1.23 -9.92 16.81
OAM 5WQ B . -1.60 -8.94 17.69
OBG 5WQ B . 0.16 -10.26 16.96
CAS 5WQ B . 0.49 -11.59 17.46
CAV 5WQ B . 0.53 -12.75 16.67
CCA 5WQ B . 0.23 -12.81 15.18
OAZ 5WQ B . 1.31 -12.30 14.42
CAC 5WQ B . 2.43 -13.15 14.36
CBY 5WQ B . 0.02 -14.26 14.85
CAI 5WQ B . -0.89 -14.91 15.91
CCD 5WQ B . -0.54 -14.46 13.47
OBI 5WQ B . -0.32 -15.80 13.07
CBJ 5WQ B . 1.00 -16.32 13.29
CAD 5WQ B . 2.12 -15.96 12.31
OAA 5WQ B . 1.23 -17.02 14.25
CBZ 5WQ B . -2.03 -14.14 13.49
CAJ 5WQ B . -2.31 -12.98 12.59
CCC 5WQ B . -2.97 -15.31 13.16
OAQ 5WQ B . -2.83 -16.37 14.05
CBX 5WQ B . -2.90 -15.79 11.69
CAH 5WQ B . -2.46 -17.19 11.65
CCB 5WQ B . -4.28 -15.68 11.02
OAP 5WQ B . -4.38 -15.84 9.81
CBW 5WQ B . -5.54 -15.36 11.85
CAG 5WQ B . -6.46 -16.56 11.86
CAU 5WQ B . -6.25 -14.16 11.24
CAR 5WQ B . -7.54 -13.81 11.59
CAT 5WQ B . -8.15 -12.59 10.93
CBK 5WQ B . -8.60 -11.52 11.90
CAE 5WQ B . -9.23 -10.37 11.12
CBL 5WQ B . -7.42 -10.96 12.70
OAL 5WQ B . -7.63 -10.12 13.56
NBF 5WQ B . -6.06 -11.44 12.47
CBR 5WQ B . -4.89 -10.94 13.22
CBQ 5WQ B . -4.00 -10.04 12.59
OAO 5WQ B . -4.25 -9.65 11.28
CBV 5WQ B . -2.81 -9.52 13.32
CBP 5WQ B . -1.88 -8.59 12.69
OAN 5WQ B . -2.06 -8.15 11.38
CBN 5WQ B . -0.76 -8.11 13.43
CAF 5WQ B . 0.23 -7.13 12.76
CBS 5WQ B . -0.54 -8.54 14.76
OBH 5WQ B . 0.58 -8.04 15.45
CAY 5WQ B . 1.81 -8.71 15.23
CAB 5WQ B . 2.66 -8.48 16.52
CL CL C . -17.56 -6.51 -25.62
#